data_1I0F
# 
_entry.id   1I0F 
# 
_audit_conform.dict_name       mmcif_pdbx.dic 
_audit_conform.dict_version    5.386 
_audit_conform.dict_location   http://mmcif.pdb.org/dictionaries/ascii/mmcif_pdbx.dic 
# 
loop_
_database_2.database_id 
_database_2.database_code 
_database_2.pdbx_database_accession 
_database_2.pdbx_DOI 
PDB   1I0F         pdb_00001i0f 10.2210/pdb1i0f/pdb 
NDB   AD0011       ?            ?                   
RCSB  RCSB012750   ?            ?                   
WWPDB D_1000012750 ?            ?                   
# 
loop_
_pdbx_audit_revision_history.ordinal 
_pdbx_audit_revision_history.data_content_type 
_pdbx_audit_revision_history.major_revision 
_pdbx_audit_revision_history.minor_revision 
_pdbx_audit_revision_history.revision_date 
1 'Structure model' 1 0 2001-04-04 
2 'Structure model' 1 1 2008-04-27 
3 'Structure model' 1 2 2011-07-13 
4 'Structure model' 1 3 2024-02-07 
# 
_pdbx_audit_revision_details.ordinal             1 
_pdbx_audit_revision_details.revision_ordinal    1 
_pdbx_audit_revision_details.data_content_type   'Structure model' 
_pdbx_audit_revision_details.provider            repository 
_pdbx_audit_revision_details.type                'Initial release' 
_pdbx_audit_revision_details.description         ? 
_pdbx_audit_revision_details.details             ? 
# 
loop_
_pdbx_audit_revision_group.ordinal 
_pdbx_audit_revision_group.revision_ordinal 
_pdbx_audit_revision_group.data_content_type 
_pdbx_audit_revision_group.group 
1 2 'Structure model' 'Version format compliance' 
2 3 'Structure model' 'Version format compliance' 
3 4 'Structure model' 'Data collection'           
4 4 'Structure model' 'Database references'       
5 4 'Structure model' 'Derived calculations'      
# 
loop_
_pdbx_audit_revision_category.ordinal 
_pdbx_audit_revision_category.revision_ordinal 
_pdbx_audit_revision_category.data_content_type 
_pdbx_audit_revision_category.category 
1 4 'Structure model' chem_comp_atom         
2 4 'Structure model' chem_comp_bond         
3 4 'Structure model' database_2             
4 4 'Structure model' pdbx_struct_conn_angle 
5 4 'Structure model' struct_conn            
6 4 'Structure model' struct_site            
# 
loop_
_pdbx_audit_revision_item.ordinal 
_pdbx_audit_revision_item.revision_ordinal 
_pdbx_audit_revision_item.data_content_type 
_pdbx_audit_revision_item.item 
1  4 'Structure model' '_database_2.pdbx_DOI'                        
2  4 'Structure model' '_database_2.pdbx_database_accession'         
3  4 'Structure model' '_pdbx_struct_conn_angle.ptnr1_auth_asym_id'  
4  4 'Structure model' '_pdbx_struct_conn_angle.ptnr1_auth_comp_id'  
5  4 'Structure model' '_pdbx_struct_conn_angle.ptnr1_auth_seq_id'   
6  4 'Structure model' '_pdbx_struct_conn_angle.ptnr1_label_asym_id' 
7  4 'Structure model' '_pdbx_struct_conn_angle.ptnr1_label_atom_id' 
8  4 'Structure model' '_pdbx_struct_conn_angle.ptnr1_label_comp_id' 
9  4 'Structure model' '_pdbx_struct_conn_angle.ptnr1_label_seq_id'  
10 4 'Structure model' '_pdbx_struct_conn_angle.ptnr3_auth_asym_id'  
11 4 'Structure model' '_pdbx_struct_conn_angle.ptnr3_auth_comp_id'  
12 4 'Structure model' '_pdbx_struct_conn_angle.ptnr3_auth_seq_id'   
13 4 'Structure model' '_pdbx_struct_conn_angle.ptnr3_label_asym_id' 
14 4 'Structure model' '_pdbx_struct_conn_angle.ptnr3_label_atom_id' 
15 4 'Structure model' '_pdbx_struct_conn_angle.ptnr3_label_comp_id' 
16 4 'Structure model' '_pdbx_struct_conn_angle.ptnr3_label_seq_id'  
17 4 'Structure model' '_pdbx_struct_conn_angle.value'               
18 4 'Structure model' '_struct_conn.conn_type_id'                   
19 4 'Structure model' '_struct_conn.id'                             
20 4 'Structure model' '_struct_conn.pdbx_dist_value'                
21 4 'Structure model' '_struct_conn.pdbx_leaving_atom_flag'         
22 4 'Structure model' '_struct_conn.ptnr1_auth_asym_id'             
23 4 'Structure model' '_struct_conn.ptnr1_auth_comp_id'             
24 4 'Structure model' '_struct_conn.ptnr1_auth_seq_id'              
25 4 'Structure model' '_struct_conn.ptnr1_label_asym_id'            
26 4 'Structure model' '_struct_conn.ptnr1_label_atom_id'            
27 4 'Structure model' '_struct_conn.ptnr1_label_comp_id'            
28 4 'Structure model' '_struct_conn.ptnr1_label_seq_id'             
29 4 'Structure model' '_struct_conn.ptnr2_auth_asym_id'             
30 4 'Structure model' '_struct_conn.ptnr2_auth_comp_id'             
31 4 'Structure model' '_struct_conn.ptnr2_auth_seq_id'              
32 4 'Structure model' '_struct_conn.ptnr2_label_asym_id'            
33 4 'Structure model' '_struct_conn.ptnr2_label_atom_id'            
34 4 'Structure model' '_struct_conn.ptnr2_label_comp_id'            
35 4 'Structure model' '_struct_conn.ptnr2_label_seq_id'             
36 4 'Structure model' '_struct_site.pdbx_auth_asym_id'              
37 4 'Structure model' '_struct_site.pdbx_auth_comp_id'              
38 4 'Structure model' '_struct_site.pdbx_auth_seq_id'               
# 
_pdbx_database_status.entry_id                        1I0F 
_pdbx_database_status.recvd_initial_deposition_date   2001-01-29 
_pdbx_database_status.deposit_site                    RCSB 
_pdbx_database_status.process_site                    RCSB 
_pdbx_database_status.status_code                     REL 
_pdbx_database_status.status_code_sf                  REL 
_pdbx_database_status.SG_entry                        . 
_pdbx_database_status.pdb_format_compatible           Y 
_pdbx_database_status.status_code_mr                  ? 
_pdbx_database_status.status_code_cs                  ? 
_pdbx_database_status.status_code_nmr_data            ? 
_pdbx_database_status.methods_development_category    ? 
# 
loop_
_audit_author.name 
_audit_author.pdbx_ordinal 
'Tereshko, V.'  1 
'Wilds, C.J.'   2 
'Minasov, G.'   3 
'Prakash, T.P.' 4 
'Maier, M.A.'   5 
'Howard, A.'    6 
'Wawrzak, Z.'   7 
'Manoharan, M.' 8 
'Egli, M.'      9 
# 
_citation.id                        primary 
_citation.title                     
'Detection of alkali metal ions in DNA crystals using state-of-the-art X-ray diffraction experiments.' 
_citation.journal_abbrev            'Nucleic Acids Res.' 
_citation.journal_volume            29 
_citation.page_first                1208 
_citation.page_last                 1215 
_citation.year                      2001 
_citation.journal_id_ASTM           NARHAD 
_citation.country                   UK 
_citation.journal_id_ISSN           0305-1048 
_citation.journal_id_CSD            0389 
_citation.book_publisher            ? 
_citation.pdbx_database_id_PubMed   11222771 
_citation.pdbx_database_id_DOI      10.1093/nar/29.5.1208 
# 
loop_
_citation_author.citation_id 
_citation_author.name 
_citation_author.ordinal 
_citation_author.identifier_ORCID 
primary 'Tereshko, V.'  1 ? 
primary 'Wilds, C.J.'   2 ? 
primary 'Minasov, G.'   3 ? 
primary 'Prakash, T.P.' 4 ? 
primary 'Maier, M.A.'   5 ? 
primary 'Howard, A.'    6 ? 
primary 'Wawrzak, Z.'   7 ? 
primary 'Manoharan, M.' 8 ? 
primary 'Egli, M.'      9 ? 
# 
loop_
_entity.id 
_entity.type 
_entity.src_method 
_entity.pdbx_description 
_entity.formula_weight 
_entity.pdbx_number_of_molecules 
_entity.pdbx_ec 
_entity.pdbx_mutation 
_entity.pdbx_fragment 
_entity.details 
1 polymer     syn "5'-D(*GP*CP*GP*TP*AP*(127)P*AP*CP*GP*C)-3'" 3120.072 2   ? ? ? ? 
2 non-polymer syn 'BARIUM ION'                                 137.327  1   ? ? ? ? 
3 water       nat water                                        18.015   113 ? ? ? ? 
# 
_entity_poly.entity_id                      1 
_entity_poly.type                           polydeoxyribonucleotide 
_entity_poly.nstd_linkage                   no 
_entity_poly.nstd_monomer                   yes 
_entity_poly.pdbx_seq_one_letter_code       '(DG)(DC)(DG)(DT)(DA)(127)(DA)(DC)(DG)(DC)' 
_entity_poly.pdbx_seq_one_letter_code_can   GCGTAUACGC 
_entity_poly.pdbx_strand_id                 A,B 
_entity_poly.pdbx_target_identifier         ? 
# 
loop_
_pdbx_entity_nonpoly.entity_id 
_pdbx_entity_nonpoly.name 
_pdbx_entity_nonpoly.comp_id 
2 'BARIUM ION' BA  
3 water        HOH 
# 
loop_
_entity_poly_seq.entity_id 
_entity_poly_seq.num 
_entity_poly_seq.mon_id 
_entity_poly_seq.hetero 
1 1  DG  n 
1 2  DC  n 
1 3  DG  n 
1 4  DT  n 
1 5  DA  n 
1 6  127 n 
1 7  DA  n 
1 8  DC  n 
1 9  DG  n 
1 10 DC  n 
# 
loop_
_chem_comp.id 
_chem_comp.type 
_chem_comp.mon_nstd_flag 
_chem_comp.name 
_chem_comp.pdbx_synonyms 
_chem_comp.formula 
_chem_comp.formula_weight 
127 'RNA linking' n "2'-O-AMINOOXY-ETHYL-5-METHYL-URIDINE-5'-MONOPHOSPHATE" ? 'C12 H20 N3 O10 P' 397.275 
BA  non-polymer   . 'BARIUM ION'                                            ? 'Ba 2'             137.327 
DA  'DNA linking' y "2'-DEOXYADENOSINE-5'-MONOPHOSPHATE"                    ? 'C10 H14 N5 O6 P'  331.222 
DC  'DNA linking' y "2'-DEOXYCYTIDINE-5'-MONOPHOSPHATE"                     ? 'C9 H14 N3 O7 P'   307.197 
DG  'DNA linking' y "2'-DEOXYGUANOSINE-5'-MONOPHOSPHATE"                    ? 'C10 H14 N5 O7 P'  347.221 
DT  'DNA linking' y "THYMIDINE-5'-MONOPHOSPHATE"                            ? 'C10 H15 N2 O8 P'  322.208 
HOH non-polymer   . WATER                                                   ? 'H2 O'             18.015  
# 
loop_
_pdbx_poly_seq_scheme.asym_id 
_pdbx_poly_seq_scheme.entity_id 
_pdbx_poly_seq_scheme.seq_id 
_pdbx_poly_seq_scheme.mon_id 
_pdbx_poly_seq_scheme.ndb_seq_num 
_pdbx_poly_seq_scheme.pdb_seq_num 
_pdbx_poly_seq_scheme.auth_seq_num 
_pdbx_poly_seq_scheme.pdb_mon_id 
_pdbx_poly_seq_scheme.auth_mon_id 
_pdbx_poly_seq_scheme.pdb_strand_id 
_pdbx_poly_seq_scheme.pdb_ins_code 
_pdbx_poly_seq_scheme.hetero 
A 1 1  DG  1  1  1  DG  G   A . n 
A 1 2  DC  2  2  2  DC  C   A . n 
A 1 3  DG  3  3  3  DG  G   A . n 
A 1 4  DT  4  4  4  DT  T   A . n 
A 1 5  DA  5  5  5  DA  A   A . n 
A 1 6  127 6  6  6  127 127 A . n 
A 1 7  DA  7  7  7  DA  A   A . n 
A 1 8  DC  8  8  8  DC  C   A . n 
A 1 9  DG  9  9  9  DG  G   A . n 
A 1 10 DC  10 10 10 DC  C   A . n 
B 1 1  DG  1  11 11 DG  G   B . n 
B 1 2  DC  2  12 12 DC  C   B . n 
B 1 3  DG  3  13 13 DG  G   B . n 
B 1 4  DT  4  14 14 DT  T   B . n 
B 1 5  DA  5  15 15 DA  A   B . n 
B 1 6  127 6  16 16 127 127 B . n 
B 1 7  DA  7  17 17 DA  A   B . n 
B 1 8  DC  8  18 18 DC  C   B . n 
B 1 9  DG  9  19 19 DG  G   B . n 
B 1 10 DC  10 20 20 DC  C   B . n 
# 
loop_
_pdbx_nonpoly_scheme.asym_id 
_pdbx_nonpoly_scheme.entity_id 
_pdbx_nonpoly_scheme.mon_id 
_pdbx_nonpoly_scheme.ndb_seq_num 
_pdbx_nonpoly_scheme.pdb_seq_num 
_pdbx_nonpoly_scheme.auth_seq_num 
_pdbx_nonpoly_scheme.pdb_mon_id 
_pdbx_nonpoly_scheme.auth_mon_id 
_pdbx_nonpoly_scheme.pdb_strand_id 
_pdbx_nonpoly_scheme.pdb_ins_code 
C 2 BA  1  22  22  BA  BA  A . 
D 3 HOH 1  102 102 HOH HOH A . 
D 3 HOH 2  104 104 HOH HOH A . 
D 3 HOH 3  105 105 HOH HOH A . 
D 3 HOH 4  106 106 HOH HOH A . 
D 3 HOH 5  108 108 HOH HOH A . 
D 3 HOH 6  109 109 HOH HOH A . 
D 3 HOH 7  112 112 HOH HOH A . 
D 3 HOH 8  114 114 HOH HOH A . 
D 3 HOH 9  116 116 HOH HOH A . 
D 3 HOH 10 117 117 HOH HOH A . 
D 3 HOH 11 118 118 HOH HOH A . 
D 3 HOH 12 119 119 HOH HOH A . 
D 3 HOH 13 120 120 HOH HOH A . 
D 3 HOH 14 122 122 HOH HOH A . 
D 3 HOH 15 123 123 HOH HOH A . 
D 3 HOH 16 124 124 HOH HOH A . 
D 3 HOH 17 125 125 HOH HOH A . 
D 3 HOH 18 130 130 HOH HOH A . 
D 3 HOH 19 131 131 HOH HOH A . 
D 3 HOH 20 132 132 HOH HOH A . 
D 3 HOH 21 133 133 HOH HOH A . 
D 3 HOH 22 139 139 HOH HOH A . 
D 3 HOH 23 140 140 HOH HOH A . 
D 3 HOH 24 142 142 HOH HOH A . 
D 3 HOH 25 143 143 HOH HOH A . 
D 3 HOH 26 145 145 HOH HOH A . 
D 3 HOH 27 150 150 HOH HOH A . 
D 3 HOH 28 152 152 HOH HOH A . 
D 3 HOH 29 154 154 HOH HOH A . 
D 3 HOH 30 159 159 HOH HOH A . 
D 3 HOH 31 160 160 HOH HOH A . 
D 3 HOH 32 164 164 HOH HOH A . 
D 3 HOH 33 168 168 HOH HOH A . 
D 3 HOH 34 169 169 HOH HOH A . 
D 3 HOH 35 170 170 HOH HOH A . 
D 3 HOH 36 171 171 HOH HOH A . 
D 3 HOH 37 172 172 HOH HOH A . 
D 3 HOH 38 173 173 HOH HOH A . 
D 3 HOH 39 174 174 HOH HOH A . 
D 3 HOH 40 175 175 HOH HOH A . 
D 3 HOH 41 176 176 HOH HOH A . 
D 3 HOH 42 177 177 HOH HOH A . 
D 3 HOH 43 178 178 HOH HOH A . 
D 3 HOH 44 180 180 HOH HOH A . 
D 3 HOH 45 181 181 HOH HOH A . 
D 3 HOH 46 182 182 HOH HOH A . 
D 3 HOH 47 183 183 HOH HOH A . 
D 3 HOH 48 186 186 HOH HOH A . 
D 3 HOH 49 188 188 HOH HOH A . 
D 3 HOH 50 189 189 HOH HOH A . 
D 3 HOH 51 190 190 HOH HOH A . 
D 3 HOH 52 196 196 HOH HOH A . 
D 3 HOH 53 198 198 HOH HOH A . 
D 3 HOH 54 201 201 HOH HOH A . 
D 3 HOH 55 203 203 HOH HOH A . 
D 3 HOH 56 211 211 HOH HOH A . 
E 3 HOH 1  101 101 HOH HOH B . 
E 3 HOH 2  103 103 HOH HOH B . 
E 3 HOH 3  107 107 HOH HOH B . 
E 3 HOH 4  110 110 HOH HOH B . 
E 3 HOH 5  111 111 HOH HOH B . 
E 3 HOH 6  113 113 HOH HOH B . 
E 3 HOH 7  115 115 HOH HOH B . 
E 3 HOH 8  121 121 HOH HOH B . 
E 3 HOH 9  126 126 HOH HOH B . 
E 3 HOH 10 127 127 HOH HOH B . 
E 3 HOH 11 128 128 HOH HOH B . 
E 3 HOH 12 129 129 HOH HOH B . 
E 3 HOH 13 134 134 HOH HOH B . 
E 3 HOH 14 135 135 HOH HOH B . 
E 3 HOH 15 136 136 HOH HOH B . 
E 3 HOH 16 137 137 HOH HOH B . 
E 3 HOH 17 138 138 HOH HOH B . 
E 3 HOH 18 141 141 HOH HOH B . 
E 3 HOH 19 144 144 HOH HOH B . 
E 3 HOH 20 146 146 HOH HOH B . 
E 3 HOH 21 147 147 HOH HOH B . 
E 3 HOH 22 148 148 HOH HOH B . 
E 3 HOH 23 149 149 HOH HOH B . 
E 3 HOH 24 151 151 HOH HOH B . 
E 3 HOH 25 153 153 HOH HOH B . 
E 3 HOH 26 155 155 HOH HOH B . 
E 3 HOH 27 156 156 HOH HOH B . 
E 3 HOH 28 157 157 HOH HOH B . 
E 3 HOH 29 158 158 HOH HOH B . 
E 3 HOH 30 161 161 HOH HOH B . 
E 3 HOH 31 162 162 HOH HOH B . 
E 3 HOH 32 163 163 HOH HOH B . 
E 3 HOH 33 165 165 HOH HOH B . 
E 3 HOH 34 166 166 HOH HOH B . 
E 3 HOH 35 167 167 HOH HOH B . 
E 3 HOH 36 179 179 HOH HOH B . 
E 3 HOH 37 184 184 HOH HOH B . 
E 3 HOH 38 185 185 HOH HOH B . 
E 3 HOH 39 187 187 HOH HOH B . 
E 3 HOH 40 191 191 HOH HOH B . 
E 3 HOH 41 192 192 HOH HOH B . 
E 3 HOH 42 193 193 HOH HOH B . 
E 3 HOH 43 194 194 HOH HOH B . 
E 3 HOH 44 195 195 HOH HOH B . 
E 3 HOH 45 197 197 HOH HOH B . 
E 3 HOH 46 199 199 HOH HOH B . 
E 3 HOH 47 200 200 HOH HOH B . 
E 3 HOH 48 202 202 HOH HOH B . 
E 3 HOH 49 204 204 HOH HOH B . 
E 3 HOH 50 205 205 HOH HOH B . 
E 3 HOH 51 206 206 HOH HOH B . 
E 3 HOH 52 207 207 HOH HOH B . 
E 3 HOH 53 208 208 HOH HOH B . 
E 3 HOH 54 209 209 HOH HOH B . 
E 3 HOH 55 210 210 HOH HOH B . 
E 3 HOH 56 212 212 HOH HOH B . 
E 3 HOH 57 213 213 HOH HOH B . 
# 
loop_
_software.name 
_software.classification 
_software.version 
_software.citation_id 
_software.pdbx_ordinal 
DENZO     'data reduction' . ? 1 
SCALEPACK 'data scaling'   . ? 2 
CNS       refinement       . ? 3 
CNS       phasing          . ? 4 
# 
_cell.entry_id           1I0F 
_cell.length_a           24.99 
_cell.length_b           44.57 
_cell.length_c           45.12 
_cell.angle_alpha        90 
_cell.angle_beta         90 
_cell.angle_gamma        90 
_cell.Z_PDB              8 
_cell.pdbx_unique_axis   ? 
# 
_symmetry.entry_id                         1I0F 
_symmetry.space_group_name_H-M             'P 21 21 21' 
_symmetry.pdbx_full_space_group_name_H-M   ? 
_symmetry.cell_setting                     orthorhombic 
_symmetry.Int_Tables_number                19 
# 
_exptl.entry_id          1I0F 
_exptl.method            'X-RAY DIFFRACTION' 
_exptl.crystals_number   1 
# 
_exptl_crystal.id                    1 
_exptl_crystal.density_meas          ? 
_exptl_crystal.density_Matthews      1.93 
_exptl_crystal.density_percent_sol   36.40 
_exptl_crystal.description           ? 
# 
_exptl_crystal_grow.crystal_id      1 
_exptl_crystal_grow.method          'VAPOR DIFFUSION, HANGING DROP' 
_exptl_crystal_grow.temp            298 
_exptl_crystal_grow.temp_details    ? 
_exptl_crystal_grow.pH              6.0 
_exptl_crystal_grow.pdbx_details    'Ba salt, pH 6.0, VAPOR DIFFUSION, HANGING DROP at 298 K' 
_exptl_crystal_grow.pdbx_pH_range   ? 
# 
_diffrn.id                     1 
_diffrn.ambient_temp           100 
_diffrn.ambient_temp_details   ? 
_diffrn.crystal_id             1 
# 
_diffrn_detector.diffrn_id              1 
_diffrn_detector.detector               'IMAGE PLATE' 
_diffrn_detector.type                   'RIGAKU RAXIS IIC' 
_diffrn_detector.pdbx_collection_date   1999-11-01 
_diffrn_detector.details                ? 
# 
_diffrn_radiation.diffrn_id                        1 
_diffrn_radiation.wavelength_id                    1 
_diffrn_radiation.pdbx_monochromatic_or_laue_m_l   M 
_diffrn_radiation.monochromator                    ? 
_diffrn_radiation.pdbx_diffrn_protocol             'SINGLE WAVELENGTH' 
_diffrn_radiation.pdbx_scattering_type             x-ray 
# 
_diffrn_radiation_wavelength.id           1 
_diffrn_radiation_wavelength.wavelength   1.5418 
_diffrn_radiation_wavelength.wt           1.0 
# 
_diffrn_source.diffrn_id                   1 
_diffrn_source.source                      'ROTATING ANODE' 
_diffrn_source.type                        'RIGAKU RU200' 
_diffrn_source.pdbx_synchrotron_site       ? 
_diffrn_source.pdbx_synchrotron_beamline   ? 
_diffrn_source.pdbx_wavelength             ? 
_diffrn_source.pdbx_wavelength_list        1.5418 
# 
_reflns.entry_id                     1I0F 
_reflns.observed_criterion_sigma_I   0 
_reflns.observed_criterion_sigma_F   0 
_reflns.d_resolution_low             20 
_reflns.d_resolution_high            1.6 
_reflns.number_obs                   6913 
_reflns.number_all                   6913 
_reflns.percent_possible_obs         97.5 
_reflns.pdbx_Rmerge_I_obs            0.068 
_reflns.pdbx_Rsym_value              ? 
_reflns.pdbx_netI_over_sigmaI        ? 
_reflns.B_iso_Wilson_estimate        ? 
_reflns.pdbx_redundancy              ? 
_reflns.R_free_details               ? 
_reflns.pdbx_diffrn_id               1 
_reflns.pdbx_ordinal                 1 
# 
_refine.entry_id                                 1I0F 
_refine.ls_number_reflns_obs                     6913 
_refine.ls_number_reflns_all                     6913 
_refine.pdbx_ls_sigma_I                          0 
_refine.pdbx_ls_sigma_F                          0 
_refine.pdbx_data_cutoff_high_absF               ? 
_refine.pdbx_data_cutoff_low_absF                ? 
_refine.ls_d_res_low                             20 
_refine.ls_d_res_high                            1.6 
_refine.ls_percent_reflns_obs                    ? 
_refine.ls_R_factor_obs                          ? 
_refine.ls_R_factor_all                          ? 
_refine.ls_R_factor_R_work                       0.19 
_refine.ls_R_factor_R_free                       0.212 
_refine.ls_R_factor_R_free_error                 ? 
_refine.ls_R_factor_R_free_error_details         ? 
_refine.ls_percent_reflns_R_free                 ? 
_refine.ls_number_reflns_R_free                  ? 
_refine.ls_number_parameters                     ? 
_refine.ls_number_restraints                     ? 
_refine.occupancy_min                            ? 
_refine.occupancy_max                            ? 
_refine.B_iso_mean                               ? 
_refine.aniso_B[1][1]                            ? 
_refine.aniso_B[2][2]                            ? 
_refine.aniso_B[3][3]                            ? 
_refine.aniso_B[1][2]                            ? 
_refine.aniso_B[1][3]                            ? 
_refine.aniso_B[2][3]                            ? 
_refine.solvent_model_details                    ? 
_refine.solvent_model_param_ksol                 ? 
_refine.solvent_model_param_bsol                 ? 
_refine.pdbx_ls_cross_valid_method               THROUGHOUT 
_refine.details                                  ? 
_refine.pdbx_starting_model                      ? 
_refine.pdbx_method_to_determine_struct          SAD 
_refine.pdbx_isotropic_thermal_model             ? 
_refine.pdbx_stereochemistry_target_values       ? 
_refine.pdbx_stereochem_target_val_spec_case     ? 
_refine.pdbx_R_Free_selection_details            random 
_refine.pdbx_overall_ESU_R_Free                  ? 
_refine.overall_SU_B                             ? 
_refine.ls_redundancy_reflns_obs                 ? 
_refine.overall_SU_ML                            ? 
_refine.pdbx_overall_ESU_R                       ? 
_refine.pdbx_data_cutoff_high_rms_absF           ? 
_refine.correlation_coeff_Fo_to_Fc               ? 
_refine.correlation_coeff_Fo_to_Fc_free          ? 
_refine.overall_SU_R_Cruickshank_DPI             ? 
_refine.overall_SU_R_free                        ? 
_refine.pdbx_refine_id                           'X-RAY DIFFRACTION' 
_refine.pdbx_diffrn_id                           1 
_refine.pdbx_TLS_residual_ADP_flag               ? 
_refine.pdbx_solvent_vdw_probe_radii             ? 
_refine.pdbx_solvent_ion_probe_radii             ? 
_refine.pdbx_solvent_shrinkage_radii             ? 
_refine.pdbx_overall_phase_error                 ? 
_refine.pdbx_overall_SU_R_free_Cruickshank_DPI   ? 
_refine.pdbx_overall_SU_R_Blow_DPI               ? 
_refine.pdbx_overall_SU_R_free_Blow_DPI          ? 
# 
_refine_hist.pdbx_refine_id                   'X-RAY DIFFRACTION' 
_refine_hist.cycle_id                         LAST 
_refine_hist.pdbx_number_atoms_protein        0 
_refine_hist.pdbx_number_atoms_nucleic_acid   414 
_refine_hist.pdbx_number_atoms_ligand         1 
_refine_hist.number_atoms_solvent             113 
_refine_hist.number_atoms_total               528 
_refine_hist.d_res_high                       1.6 
_refine_hist.d_res_low                        20 
# 
_struct.entry_id                  1I0F 
_struct.title                     
;1.6 A STRUCTURE OF THE A-DECAMER GCGTATACGC WITH A SINGLE 2'-O-AMINOOXYETHYL THYMINE IN PLACE OF T6, BA-FORM
;
_struct.pdbx_model_details        ? 
_struct.pdbx_CASP_flag            ? 
_struct.pdbx_model_type_details   ? 
# 
_struct_keywords.entry_id        1I0F 
_struct_keywords.pdbx_keywords   DNA 
_struct_keywords.text            'A-form double helix, modified sugar, DNA' 
# 
loop_
_struct_asym.id 
_struct_asym.pdbx_blank_PDB_chainid_flag 
_struct_asym.pdbx_modified 
_struct_asym.entity_id 
_struct_asym.details 
A N N 1 ? 
B N N 1 ? 
C N N 2 ? 
D N N 3 ? 
E N N 3 ? 
# 
_struct_ref.id                         1 
_struct_ref.entity_id                  1 
_struct_ref.db_name                    PDB 
_struct_ref.db_code                    1I0F 
_struct_ref.pdbx_db_accession          1I0F 
_struct_ref.pdbx_db_isoform            ? 
_struct_ref.pdbx_seq_one_letter_code   ? 
_struct_ref.pdbx_align_begin           ? 
# 
loop_
_struct_ref_seq.align_id 
_struct_ref_seq.ref_id 
_struct_ref_seq.pdbx_PDB_id_code 
_struct_ref_seq.pdbx_strand_id 
_struct_ref_seq.seq_align_beg 
_struct_ref_seq.pdbx_seq_align_beg_ins_code 
_struct_ref_seq.seq_align_end 
_struct_ref_seq.pdbx_seq_align_end_ins_code 
_struct_ref_seq.pdbx_db_accession 
_struct_ref_seq.db_align_beg 
_struct_ref_seq.pdbx_db_align_beg_ins_code 
_struct_ref_seq.db_align_end 
_struct_ref_seq.pdbx_db_align_end_ins_code 
_struct_ref_seq.pdbx_auth_seq_align_beg 
_struct_ref_seq.pdbx_auth_seq_align_end 
1 1 1I0F A 1 ? 10 ? 1I0F 1  ? 10 ? 1  10 
2 1 1I0F B 1 ? 10 ? 1I0F 11 ? 20 ? 11 20 
# 
_pdbx_struct_assembly.id                   1 
_pdbx_struct_assembly.details              author_defined_assembly 
_pdbx_struct_assembly.method_details       ? 
_pdbx_struct_assembly.oligomeric_details   dimeric 
_pdbx_struct_assembly.oligomeric_count     2 
# 
_pdbx_struct_assembly_gen.assembly_id       1 
_pdbx_struct_assembly_gen.oper_expression   1 
_pdbx_struct_assembly_gen.asym_id_list      A,B,C,D,E 
# 
_pdbx_struct_oper_list.id                   1 
_pdbx_struct_oper_list.type                 'identity operation' 
_pdbx_struct_oper_list.name                 1_555 
_pdbx_struct_oper_list.symmetry_operation   x,y,z 
_pdbx_struct_oper_list.matrix[1][1]         1.0000000000 
_pdbx_struct_oper_list.matrix[1][2]         0.0000000000 
_pdbx_struct_oper_list.matrix[1][3]         0.0000000000 
_pdbx_struct_oper_list.vector[1]            0.0000000000 
_pdbx_struct_oper_list.matrix[2][1]         0.0000000000 
_pdbx_struct_oper_list.matrix[2][2]         1.0000000000 
_pdbx_struct_oper_list.matrix[2][3]         0.0000000000 
_pdbx_struct_oper_list.vector[2]            0.0000000000 
_pdbx_struct_oper_list.matrix[3][1]         0.0000000000 
_pdbx_struct_oper_list.matrix[3][2]         0.0000000000 
_pdbx_struct_oper_list.matrix[3][3]         1.0000000000 
_pdbx_struct_oper_list.vector[3]            0.0000000000 
# 
_struct_biol.id                    1 
_struct_biol.pdbx_parent_biol_id   ? 
_struct_biol.details               ? 
# 
loop_
_struct_conn.id 
_struct_conn.conn_type_id 
_struct_conn.pdbx_leaving_atom_flag 
_struct_conn.pdbx_PDB_id 
_struct_conn.ptnr1_label_asym_id 
_struct_conn.ptnr1_label_comp_id 
_struct_conn.ptnr1_label_seq_id 
_struct_conn.ptnr1_label_atom_id 
_struct_conn.pdbx_ptnr1_label_alt_id 
_struct_conn.pdbx_ptnr1_PDB_ins_code 
_struct_conn.pdbx_ptnr1_standard_comp_id 
_struct_conn.ptnr1_symmetry 
_struct_conn.ptnr2_label_asym_id 
_struct_conn.ptnr2_label_comp_id 
_struct_conn.ptnr2_label_seq_id 
_struct_conn.ptnr2_label_atom_id 
_struct_conn.pdbx_ptnr2_label_alt_id 
_struct_conn.pdbx_ptnr2_PDB_ins_code 
_struct_conn.ptnr1_auth_asym_id 
_struct_conn.ptnr1_auth_comp_id 
_struct_conn.ptnr1_auth_seq_id 
_struct_conn.ptnr2_auth_asym_id 
_struct_conn.ptnr2_auth_comp_id 
_struct_conn.ptnr2_auth_seq_id 
_struct_conn.ptnr2_symmetry 
_struct_conn.pdbx_ptnr3_label_atom_id 
_struct_conn.pdbx_ptnr3_label_seq_id 
_struct_conn.pdbx_ptnr3_label_comp_id 
_struct_conn.pdbx_ptnr3_label_asym_id 
_struct_conn.pdbx_ptnr3_label_alt_id 
_struct_conn.pdbx_ptnr3_PDB_ins_code 
_struct_conn.details 
_struct_conn.pdbx_dist_value 
_struct_conn.pdbx_value_order 
_struct_conn.pdbx_role 
covale1  covale both ? A DA  5  "O3'" ? ? ? 1_555 A 127 6  P  ? ? A DA  5  A 127 6   1_555 ? ? ? ? ? ? ?            1.593 ? ? 
covale2  covale both ? A 127 6  "O3'" ? ? ? 1_555 A DA  7  P  ? ? A 127 6  A DA  7   1_555 ? ? ? ? ? ? ?            1.601 ? ? 
covale3  covale both ? B DA  5  "O3'" ? ? ? 1_555 B 127 6  P  ? ? B DA  15 B 127 16  1_555 ? ? ? ? ? ? ?            1.609 ? ? 
covale4  covale both ? B 127 6  "O3'" ? ? ? 1_555 B DA  7  P  ? ? B 127 16 B DA  17  1_555 ? ? ? ? ? ? ?            1.606 ? ? 
metalc1  metalc ?    ? A DG  3  O6    ? ? ? 1_555 C BA  .  BA ? ? A DG  3  A BA  22  1_555 ? ? ? ? ? ? ?            2.752 ? ? 
metalc2  metalc ?    ? C BA  .  BA    ? ? ? 1_555 D HOH .  O  ? ? A BA  22 A HOH 118 1_555 ? ? ? ? ? ? ?            3.075 ? ? 
metalc3  metalc ?    ? C BA  .  BA    ? ? ? 1_555 D HOH .  O  ? ? A BA  22 A HOH 145 1_555 ? ? ? ? ? ? ?            2.447 ? ? 
metalc4  metalc ?    ? C BA  .  BA    ? ? ? 1_555 D HOH .  O  ? ? A BA  22 A HOH 171 1_555 ? ? ? ? ? ? ?            2.643 ? ? 
metalc5  metalc ?    ? C BA  .  BA    ? ? ? 1_555 D HOH .  O  ? ? A BA  22 A HOH 180 1_555 ? ? ? ? ? ? ?            3.539 ? ? 
metalc6  metalc ?    ? C BA  .  BA    ? ? ? 1_555 E HOH .  O  ? ? A BA  22 B HOH 144 1_555 ? ? ? ? ? ? ?            2.588 ? ? 
metalc7  metalc ?    ? C BA  .  BA    ? ? ? 1_555 E HOH .  O  ? ? A BA  22 B HOH 213 1_555 ? ? ? ? ? ? ?            2.777 ? ? 
hydrog1  hydrog ?    ? A DG  1  N1    ? ? ? 1_555 B DC  10 N3 ? ? A DG  1  B DC  20  1_555 ? ? ? ? ? ? WATSON-CRICK ?     ? ? 
hydrog2  hydrog ?    ? A DG  1  N2    ? ? ? 1_555 B DC  10 O2 ? ? A DG  1  B DC  20  1_555 ? ? ? ? ? ? WATSON-CRICK ?     ? ? 
hydrog3  hydrog ?    ? A DG  1  O6    ? ? ? 1_555 B DC  10 N4 ? ? A DG  1  B DC  20  1_555 ? ? ? ? ? ? WATSON-CRICK ?     ? ? 
hydrog4  hydrog ?    ? A DC  2  N3    ? ? ? 1_555 B DG  9  N1 ? ? A DC  2  B DG  19  1_555 ? ? ? ? ? ? WATSON-CRICK ?     ? ? 
hydrog5  hydrog ?    ? A DC  2  N4    ? ? ? 1_555 B DG  9  O6 ? ? A DC  2  B DG  19  1_555 ? ? ? ? ? ? WATSON-CRICK ?     ? ? 
hydrog6  hydrog ?    ? A DC  2  O2    ? ? ? 1_555 B DG  9  N2 ? ? A DC  2  B DG  19  1_555 ? ? ? ? ? ? WATSON-CRICK ?     ? ? 
hydrog7  hydrog ?    ? A DG  3  N1    ? ? ? 1_555 B DC  8  N3 ? ? A DG  3  B DC  18  1_555 ? ? ? ? ? ? WATSON-CRICK ?     ? ? 
hydrog8  hydrog ?    ? A DG  3  N2    ? ? ? 1_555 B DC  8  O2 ? ? A DG  3  B DC  18  1_555 ? ? ? ? ? ? WATSON-CRICK ?     ? ? 
hydrog9  hydrog ?    ? A DG  3  O6    ? ? ? 1_555 B DC  8  N4 ? ? A DG  3  B DC  18  1_555 ? ? ? ? ? ? WATSON-CRICK ?     ? ? 
hydrog10 hydrog ?    ? A DT  4  N3    ? ? ? 1_555 B DA  7  N1 ? ? A DT  4  B DA  17  1_555 ? ? ? ? ? ? WATSON-CRICK ?     ? ? 
hydrog11 hydrog ?    ? A DT  4  O4    ? ? ? 1_555 B DA  7  N6 ? ? A DT  4  B DA  17  1_555 ? ? ? ? ? ? WATSON-CRICK ?     ? ? 
hydrog12 hydrog ?    ? A DA  5  N1    ? ? ? 1_555 B 127 6  N3 ? ? A DA  5  B 127 16  1_555 ? ? ? ? ? ? WATSON-CRICK ?     ? ? 
hydrog13 hydrog ?    ? A DA  5  N6    ? ? ? 1_555 B 127 6  O4 ? ? A DA  5  B 127 16  1_555 ? ? ? ? ? ? WATSON-CRICK ?     ? ? 
hydrog14 hydrog ?    ? A 127 6  N3    ? ? ? 1_555 B DA  5  N1 ? ? A 127 6  B DA  15  1_555 ? ? ? ? ? ? WATSON-CRICK ?     ? ? 
hydrog15 hydrog ?    ? A 127 6  O4    ? ? ? 1_555 B DA  5  N6 ? ? A 127 6  B DA  15  1_555 ? ? ? ? ? ? WATSON-CRICK ?     ? ? 
hydrog16 hydrog ?    ? A DA  7  N1    ? ? ? 1_555 B DT  4  N3 ? ? A DA  7  B DT  14  1_555 ? ? ? ? ? ? WATSON-CRICK ?     ? ? 
hydrog17 hydrog ?    ? A DA  7  N6    ? ? ? 1_555 B DT  4  O4 ? ? A DA  7  B DT  14  1_555 ? ? ? ? ? ? WATSON-CRICK ?     ? ? 
hydrog18 hydrog ?    ? A DC  8  N3    ? ? ? 1_555 B DG  3  N1 ? ? A DC  8  B DG  13  1_555 ? ? ? ? ? ? WATSON-CRICK ?     ? ? 
hydrog19 hydrog ?    ? A DC  8  N4    ? ? ? 1_555 B DG  3  O6 ? ? A DC  8  B DG  13  1_555 ? ? ? ? ? ? WATSON-CRICK ?     ? ? 
hydrog20 hydrog ?    ? A DC  8  O2    ? ? ? 1_555 B DG  3  N2 ? ? A DC  8  B DG  13  1_555 ? ? ? ? ? ? WATSON-CRICK ?     ? ? 
hydrog21 hydrog ?    ? A DG  9  N1    ? ? ? 1_555 B DC  2  N3 ? ? A DG  9  B DC  12  1_555 ? ? ? ? ? ? WATSON-CRICK ?     ? ? 
hydrog22 hydrog ?    ? A DG  9  N2    ? ? ? 1_555 B DC  2  O2 ? ? A DG  9  B DC  12  1_555 ? ? ? ? ? ? WATSON-CRICK ?     ? ? 
hydrog23 hydrog ?    ? A DG  9  O6    ? ? ? 1_555 B DC  2  N4 ? ? A DG  9  B DC  12  1_555 ? ? ? ? ? ? WATSON-CRICK ?     ? ? 
hydrog24 hydrog ?    ? A DC  10 N3    ? ? ? 1_555 B DG  1  N1 ? ? A DC  10 B DG  11  1_555 ? ? ? ? ? ? WATSON-CRICK ?     ? ? 
hydrog25 hydrog ?    ? A DC  10 N4    ? ? ? 1_555 B DG  1  O6 ? ? A DC  10 B DG  11  1_555 ? ? ? ? ? ? WATSON-CRICK ?     ? ? 
hydrog26 hydrog ?    ? A DC  10 O2    ? ? ? 1_555 B DG  1  N2 ? ? A DC  10 B DG  11  1_555 ? ? ? ? ? ? WATSON-CRICK ?     ? ? 
# 
loop_
_struct_conn_type.id 
_struct_conn_type.criteria 
_struct_conn_type.reference 
covale ? ? 
metalc ? ? 
hydrog ? ? 
# 
loop_
_pdbx_struct_conn_angle.id 
_pdbx_struct_conn_angle.ptnr1_label_atom_id 
_pdbx_struct_conn_angle.ptnr1_label_alt_id 
_pdbx_struct_conn_angle.ptnr1_label_asym_id 
_pdbx_struct_conn_angle.ptnr1_label_comp_id 
_pdbx_struct_conn_angle.ptnr1_label_seq_id 
_pdbx_struct_conn_angle.ptnr1_auth_atom_id 
_pdbx_struct_conn_angle.ptnr1_auth_asym_id 
_pdbx_struct_conn_angle.ptnr1_auth_comp_id 
_pdbx_struct_conn_angle.ptnr1_auth_seq_id 
_pdbx_struct_conn_angle.ptnr1_PDB_ins_code 
_pdbx_struct_conn_angle.ptnr1_symmetry 
_pdbx_struct_conn_angle.ptnr2_label_atom_id 
_pdbx_struct_conn_angle.ptnr2_label_alt_id 
_pdbx_struct_conn_angle.ptnr2_label_asym_id 
_pdbx_struct_conn_angle.ptnr2_label_comp_id 
_pdbx_struct_conn_angle.ptnr2_label_seq_id 
_pdbx_struct_conn_angle.ptnr2_auth_atom_id 
_pdbx_struct_conn_angle.ptnr2_auth_asym_id 
_pdbx_struct_conn_angle.ptnr2_auth_comp_id 
_pdbx_struct_conn_angle.ptnr2_auth_seq_id 
_pdbx_struct_conn_angle.ptnr2_PDB_ins_code 
_pdbx_struct_conn_angle.ptnr2_symmetry 
_pdbx_struct_conn_angle.ptnr3_label_atom_id 
_pdbx_struct_conn_angle.ptnr3_label_alt_id 
_pdbx_struct_conn_angle.ptnr3_label_asym_id 
_pdbx_struct_conn_angle.ptnr3_label_comp_id 
_pdbx_struct_conn_angle.ptnr3_label_seq_id 
_pdbx_struct_conn_angle.ptnr3_auth_atom_id 
_pdbx_struct_conn_angle.ptnr3_auth_asym_id 
_pdbx_struct_conn_angle.ptnr3_auth_comp_id 
_pdbx_struct_conn_angle.ptnr3_auth_seq_id 
_pdbx_struct_conn_angle.ptnr3_PDB_ins_code 
_pdbx_struct_conn_angle.ptnr3_symmetry 
_pdbx_struct_conn_angle.value 
_pdbx_struct_conn_angle.value_esd 
1  O6 ? A DG  3 ? A DG  3   ? 1_555 BA ? C BA . ? A BA 22 ? 1_555 O ? D HOH . ? A HOH 118 ? 1_555 74.1  ? 
2  O6 ? A DG  3 ? A DG  3   ? 1_555 BA ? C BA . ? A BA 22 ? 1_555 O ? D HOH . ? A HOH 145 ? 1_555 93.7  ? 
3  O  ? D HOH . ? A HOH 118 ? 1_555 BA ? C BA . ? A BA 22 ? 1_555 O ? D HOH . ? A HOH 145 ? 1_555 79.0  ? 
4  O6 ? A DG  3 ? A DG  3   ? 1_555 BA ? C BA . ? A BA 22 ? 1_555 O ? D HOH . ? A HOH 171 ? 1_555 71.8  ? 
5  O  ? D HOH . ? A HOH 118 ? 1_555 BA ? C BA . ? A BA 22 ? 1_555 O ? D HOH . ? A HOH 171 ? 1_555 141.8 ? 
6  O  ? D HOH . ? A HOH 145 ? 1_555 BA ? C BA . ? A BA 22 ? 1_555 O ? D HOH . ? A HOH 171 ? 1_555 119.9 ? 
7  O6 ? A DG  3 ? A DG  3   ? 1_555 BA ? C BA . ? A BA 22 ? 1_555 O ? D HOH . ? A HOH 180 ? 1_555 121.4 ? 
8  O  ? D HOH . ? A HOH 118 ? 1_555 BA ? C BA . ? A BA 22 ? 1_555 O ? D HOH . ? A HOH 180 ? 1_555 144.3 ? 
9  O  ? D HOH . ? A HOH 145 ? 1_555 BA ? C BA . ? A BA 22 ? 1_555 O ? D HOH . ? A HOH 180 ? 1_555 68.7  ? 
10 O  ? D HOH . ? A HOH 171 ? 1_555 BA ? C BA . ? A BA 22 ? 1_555 O ? D HOH . ? A HOH 180 ? 1_555 71.0  ? 
11 O6 ? A DG  3 ? A DG  3   ? 1_555 BA ? C BA . ? A BA 22 ? 1_555 O ? E HOH . ? B HOH 144 ? 1_555 83.3  ? 
12 O  ? D HOH . ? A HOH 118 ? 1_555 BA ? C BA . ? A BA 22 ? 1_555 O ? E HOH . ? B HOH 144 ? 1_555 77.0  ? 
13 O  ? D HOH . ? A HOH 145 ? 1_555 BA ? C BA . ? A BA 22 ? 1_555 O ? E HOH . ? B HOH 144 ? 1_555 155.6 ? 
14 O  ? D HOH . ? A HOH 171 ? 1_555 BA ? C BA . ? A BA 22 ? 1_555 O ? E HOH . ? B HOH 144 ? 1_555 82.3  ? 
15 O  ? D HOH . ? A HOH 180 ? 1_555 BA ? C BA . ? A BA 22 ? 1_555 O ? E HOH . ? B HOH 144 ? 1_555 132.9 ? 
16 O6 ? A DG  3 ? A DG  3   ? 1_555 BA ? C BA . ? A BA 22 ? 1_555 O ? E HOH . ? B HOH 213 ? 1_555 140.5 ? 
17 O  ? D HOH . ? A HOH 118 ? 1_555 BA ? C BA . ? A BA 22 ? 1_555 O ? E HOH . ? B HOH 213 ? 1_555 115.4 ? 
18 O  ? D HOH . ? A HOH 145 ? 1_555 BA ? C BA . ? A BA 22 ? 1_555 O ? E HOH . ? B HOH 213 ? 1_555 125.4 ? 
19 O  ? D HOH . ? A HOH 171 ? 1_555 BA ? C BA . ? A BA 22 ? 1_555 O ? E HOH . ? B HOH 213 ? 1_555 82.2  ? 
20 O  ? D HOH . ? A HOH 180 ? 1_555 BA ? C BA . ? A BA 22 ? 1_555 O ? E HOH . ? B HOH 213 ? 1_555 74.6  ? 
21 O  ? E HOH . ? B HOH 144 ? 1_555 BA ? C BA . ? A BA 22 ? 1_555 O ? E HOH . ? B HOH 213 ? 1_555 63.7  ? 
# 
_struct_site.id                   AC1 
_struct_site.pdbx_evidence_code   Software 
_struct_site.pdbx_auth_asym_id    A 
_struct_site.pdbx_auth_comp_id    BA 
_struct_site.pdbx_auth_seq_id     22 
_struct_site.pdbx_auth_ins_code   ? 
_struct_site.pdbx_num_residues    6 
_struct_site.details              'BINDING SITE FOR RESIDUE BA A 22' 
# 
loop_
_struct_site_gen.id 
_struct_site_gen.site_id 
_struct_site_gen.pdbx_num_res 
_struct_site_gen.label_comp_id 
_struct_site_gen.label_asym_id 
_struct_site_gen.label_seq_id 
_struct_site_gen.pdbx_auth_ins_code 
_struct_site_gen.auth_comp_id 
_struct_site_gen.auth_asym_id 
_struct_site_gen.auth_seq_id 
_struct_site_gen.label_atom_id 
_struct_site_gen.label_alt_id 
_struct_site_gen.symmetry 
_struct_site_gen.details 
1 AC1 6 DG  A 3 ? DG  A 3   . ? 1_555 ? 
2 AC1 6 HOH D . ? HOH A 118 . ? 1_555 ? 
3 AC1 6 HOH D . ? HOH A 145 . ? 1_555 ? 
4 AC1 6 HOH D . ? HOH A 171 . ? 1_555 ? 
5 AC1 6 HOH E . ? HOH B 144 . ? 1_555 ? 
6 AC1 6 HOH E . ? HOH B 213 . ? 1_555 ? 
# 
_pdbx_validate_close_contact.id               1 
_pdbx_validate_close_contact.PDB_model_num    1 
_pdbx_validate_close_contact.auth_atom_id_1   O 
_pdbx_validate_close_contact.auth_asym_id_1   A 
_pdbx_validate_close_contact.auth_comp_id_1   HOH 
_pdbx_validate_close_contact.auth_seq_id_1    125 
_pdbx_validate_close_contact.PDB_ins_code_1   ? 
_pdbx_validate_close_contact.label_alt_id_1   ? 
_pdbx_validate_close_contact.auth_atom_id_2   O 
_pdbx_validate_close_contact.auth_asym_id_2   A 
_pdbx_validate_close_contact.auth_comp_id_2   HOH 
_pdbx_validate_close_contact.auth_seq_id_2    160 
_pdbx_validate_close_contact.PDB_ins_code_2   ? 
_pdbx_validate_close_contact.label_alt_id_2   ? 
_pdbx_validate_close_contact.dist             1.59 
# 
_pdbx_validate_symm_contact.id                1 
_pdbx_validate_symm_contact.PDB_model_num     1 
_pdbx_validate_symm_contact.auth_atom_id_1    O 
_pdbx_validate_symm_contact.auth_asym_id_1    A 
_pdbx_validate_symm_contact.auth_comp_id_1    HOH 
_pdbx_validate_symm_contact.auth_seq_id_1     175 
_pdbx_validate_symm_contact.PDB_ins_code_1    ? 
_pdbx_validate_symm_contact.label_alt_id_1    ? 
_pdbx_validate_symm_contact.site_symmetry_1   1_555 
_pdbx_validate_symm_contact.auth_atom_id_2    O 
_pdbx_validate_symm_contact.auth_asym_id_2    B 
_pdbx_validate_symm_contact.auth_comp_id_2    HOH 
_pdbx_validate_symm_contact.auth_seq_id_2     149 
_pdbx_validate_symm_contact.PDB_ins_code_2    ? 
_pdbx_validate_symm_contact.label_alt_id_2    ? 
_pdbx_validate_symm_contact.site_symmetry_2   3_555 
_pdbx_validate_symm_contact.dist              1.77 
# 
_pdbx_validate_rmsd_angle.id                         1 
_pdbx_validate_rmsd_angle.PDB_model_num              1 
_pdbx_validate_rmsd_angle.auth_atom_id_1             "O5'" 
_pdbx_validate_rmsd_angle.auth_asym_id_1             B 
_pdbx_validate_rmsd_angle.auth_comp_id_1             DG 
_pdbx_validate_rmsd_angle.auth_seq_id_1              19 
_pdbx_validate_rmsd_angle.PDB_ins_code_1             ? 
_pdbx_validate_rmsd_angle.label_alt_id_1             ? 
_pdbx_validate_rmsd_angle.auth_atom_id_2             P 
_pdbx_validate_rmsd_angle.auth_asym_id_2             B 
_pdbx_validate_rmsd_angle.auth_comp_id_2             DG 
_pdbx_validate_rmsd_angle.auth_seq_id_2              19 
_pdbx_validate_rmsd_angle.PDB_ins_code_2             ? 
_pdbx_validate_rmsd_angle.label_alt_id_2             ? 
_pdbx_validate_rmsd_angle.auth_atom_id_3             OP2 
_pdbx_validate_rmsd_angle.auth_asym_id_3             B 
_pdbx_validate_rmsd_angle.auth_comp_id_3             DG 
_pdbx_validate_rmsd_angle.auth_seq_id_3              19 
_pdbx_validate_rmsd_angle.PDB_ins_code_3             ? 
_pdbx_validate_rmsd_angle.label_alt_id_3             ? 
_pdbx_validate_rmsd_angle.angle_value                98.21 
_pdbx_validate_rmsd_angle.angle_target_value         105.70 
_pdbx_validate_rmsd_angle.angle_deviation            -7.49 
_pdbx_validate_rmsd_angle.angle_standard_deviation   0.90 
_pdbx_validate_rmsd_angle.linker_flag                N 
# 
loop_
_pdbx_struct_mod_residue.id 
_pdbx_struct_mod_residue.label_asym_id 
_pdbx_struct_mod_residue.label_comp_id 
_pdbx_struct_mod_residue.label_seq_id 
_pdbx_struct_mod_residue.auth_asym_id 
_pdbx_struct_mod_residue.auth_comp_id 
_pdbx_struct_mod_residue.auth_seq_id 
_pdbx_struct_mod_residue.PDB_ins_code 
_pdbx_struct_mod_residue.parent_comp_id 
_pdbx_struct_mod_residue.details 
1 A 127 6 A 127 6  ? U ? 
2 B 127 6 B 127 16 ? U ? 
# 
loop_
_chem_comp_atom.comp_id 
_chem_comp_atom.atom_id 
_chem_comp_atom.type_symbol 
_chem_comp_atom.pdbx_aromatic_flag 
_chem_comp_atom.pdbx_stereo_config 
_chem_comp_atom.pdbx_ordinal 
127 P      P  N N 1   
127 OP1    O  N N 2   
127 OP2    O  N N 3   
127 OP3    O  N N 4   
127 "O5'"  O  N N 5   
127 "C5'"  C  N N 6   
127 "C4'"  C  N R 7   
127 "O4'"  O  N N 8   
127 "C3'"  C  N R 9   
127 "O3'"  O  N N 10  
127 "C2'"  C  N R 11  
127 "O2'"  O  N N 12  
127 "C1'"  C  N R 13  
127 N1     N  N N 14  
127 C2     C  N N 15  
127 O2     O  N N 16  
127 N3     N  N N 17  
127 C4     C  N N 18  
127 O4     O  N N 19  
127 C5     C  N N 20  
127 C5M    C  N N 21  
127 C6     C  N N 22  
127 "CA'"  C  N N 23  
127 "CB'"  C  N N 24  
127 "OC'"  O  N N 25  
127 "ND'"  N  N N 26  
127 HOP2   H  N N 27  
127 HOP3   H  N N 28  
127 "H5'"  H  N N 29  
127 "H5''" H  N N 30  
127 "H4'"  H  N N 31  
127 "H3'"  H  N N 32  
127 "HO3'" H  N N 33  
127 "H2'"  H  N N 34  
127 "H1'"  H  N N 35  
127 H3     H  N N 36  
127 H71    H  N N 37  
127 H72    H  N N 38  
127 H73    H  N N 39  
127 H6     H  N N 40  
127 "HA'1" H  N N 41  
127 "HA'2" H  N N 42  
127 "HB'1" H  N N 43  
127 "HB'2" H  N N 44  
127 "HD'1" H  N N 45  
127 "HD'2" H  N N 46  
BA  BA     BA N N 47  
DA  OP3    O  N N 48  
DA  P      P  N N 49  
DA  OP1    O  N N 50  
DA  OP2    O  N N 51  
DA  "O5'"  O  N N 52  
DA  "C5'"  C  N N 53  
DA  "C4'"  C  N R 54  
DA  "O4'"  O  N N 55  
DA  "C3'"  C  N S 56  
DA  "O3'"  O  N N 57  
DA  "C2'"  C  N N 58  
DA  "C1'"  C  N R 59  
DA  N9     N  Y N 60  
DA  C8     C  Y N 61  
DA  N7     N  Y N 62  
DA  C5     C  Y N 63  
DA  C6     C  Y N 64  
DA  N6     N  N N 65  
DA  N1     N  Y N 66  
DA  C2     C  Y N 67  
DA  N3     N  Y N 68  
DA  C4     C  Y N 69  
DA  HOP3   H  N N 70  
DA  HOP2   H  N N 71  
DA  "H5'"  H  N N 72  
DA  "H5''" H  N N 73  
DA  "H4'"  H  N N 74  
DA  "H3'"  H  N N 75  
DA  "HO3'" H  N N 76  
DA  "H2'"  H  N N 77  
DA  "H2''" H  N N 78  
DA  "H1'"  H  N N 79  
DA  H8     H  N N 80  
DA  H61    H  N N 81  
DA  H62    H  N N 82  
DA  H2     H  N N 83  
DC  OP3    O  N N 84  
DC  P      P  N N 85  
DC  OP1    O  N N 86  
DC  OP2    O  N N 87  
DC  "O5'"  O  N N 88  
DC  "C5'"  C  N N 89  
DC  "C4'"  C  N R 90  
DC  "O4'"  O  N N 91  
DC  "C3'"  C  N S 92  
DC  "O3'"  O  N N 93  
DC  "C2'"  C  N N 94  
DC  "C1'"  C  N R 95  
DC  N1     N  N N 96  
DC  C2     C  N N 97  
DC  O2     O  N N 98  
DC  N3     N  N N 99  
DC  C4     C  N N 100 
DC  N4     N  N N 101 
DC  C5     C  N N 102 
DC  C6     C  N N 103 
DC  HOP3   H  N N 104 
DC  HOP2   H  N N 105 
DC  "H5'"  H  N N 106 
DC  "H5''" H  N N 107 
DC  "H4'"  H  N N 108 
DC  "H3'"  H  N N 109 
DC  "HO3'" H  N N 110 
DC  "H2'"  H  N N 111 
DC  "H2''" H  N N 112 
DC  "H1'"  H  N N 113 
DC  H41    H  N N 114 
DC  H42    H  N N 115 
DC  H5     H  N N 116 
DC  H6     H  N N 117 
DG  OP3    O  N N 118 
DG  P      P  N N 119 
DG  OP1    O  N N 120 
DG  OP2    O  N N 121 
DG  "O5'"  O  N N 122 
DG  "C5'"  C  N N 123 
DG  "C4'"  C  N R 124 
DG  "O4'"  O  N N 125 
DG  "C3'"  C  N S 126 
DG  "O3'"  O  N N 127 
DG  "C2'"  C  N N 128 
DG  "C1'"  C  N R 129 
DG  N9     N  Y N 130 
DG  C8     C  Y N 131 
DG  N7     N  Y N 132 
DG  C5     C  Y N 133 
DG  C6     C  N N 134 
DG  O6     O  N N 135 
DG  N1     N  N N 136 
DG  C2     C  N N 137 
DG  N2     N  N N 138 
DG  N3     N  N N 139 
DG  C4     C  Y N 140 
DG  HOP3   H  N N 141 
DG  HOP2   H  N N 142 
DG  "H5'"  H  N N 143 
DG  "H5''" H  N N 144 
DG  "H4'"  H  N N 145 
DG  "H3'"  H  N N 146 
DG  "HO3'" H  N N 147 
DG  "H2'"  H  N N 148 
DG  "H2''" H  N N 149 
DG  "H1'"  H  N N 150 
DG  H8     H  N N 151 
DG  H1     H  N N 152 
DG  H21    H  N N 153 
DG  H22    H  N N 154 
DT  OP3    O  N N 155 
DT  P      P  N N 156 
DT  OP1    O  N N 157 
DT  OP2    O  N N 158 
DT  "O5'"  O  N N 159 
DT  "C5'"  C  N N 160 
DT  "C4'"  C  N R 161 
DT  "O4'"  O  N N 162 
DT  "C3'"  C  N S 163 
DT  "O3'"  O  N N 164 
DT  "C2'"  C  N N 165 
DT  "C1'"  C  N R 166 
DT  N1     N  N N 167 
DT  C2     C  N N 168 
DT  O2     O  N N 169 
DT  N3     N  N N 170 
DT  C4     C  N N 171 
DT  O4     O  N N 172 
DT  C5     C  N N 173 
DT  C7     C  N N 174 
DT  C6     C  N N 175 
DT  HOP3   H  N N 176 
DT  HOP2   H  N N 177 
DT  "H5'"  H  N N 178 
DT  "H5''" H  N N 179 
DT  "H4'"  H  N N 180 
DT  "H3'"  H  N N 181 
DT  "HO3'" H  N N 182 
DT  "H2'"  H  N N 183 
DT  "H2''" H  N N 184 
DT  "H1'"  H  N N 185 
DT  H3     H  N N 186 
DT  H71    H  N N 187 
DT  H72    H  N N 188 
DT  H73    H  N N 189 
DT  H6     H  N N 190 
HOH O      O  N N 191 
HOH H1     H  N N 192 
HOH H2     H  N N 193 
# 
loop_
_chem_comp_bond.comp_id 
_chem_comp_bond.atom_id_1 
_chem_comp_bond.atom_id_2 
_chem_comp_bond.value_order 
_chem_comp_bond.pdbx_aromatic_flag 
_chem_comp_bond.pdbx_stereo_config 
_chem_comp_bond.pdbx_ordinal 
127 P     OP1    doub N N 1   
127 P     OP2    sing N N 2   
127 P     OP3    sing N N 3   
127 P     "O5'"  sing N N 4   
127 OP2   HOP2   sing N N 5   
127 OP3   HOP3   sing N N 6   
127 "O5'" "C5'"  sing N N 7   
127 "C5'" "C4'"  sing N N 8   
127 "C5'" "H5'"  sing N N 9   
127 "C5'" "H5''" sing N N 10  
127 "C4'" "O4'"  sing N N 11  
127 "C4'" "C3'"  sing N N 12  
127 "C4'" "H4'"  sing N N 13  
127 "O4'" "C1'"  sing N N 14  
127 "C3'" "O3'"  sing N N 15  
127 "C3'" "C2'"  sing N N 16  
127 "C3'" "H3'"  sing N N 17  
127 "O3'" "HO3'" sing N N 18  
127 "C2'" "O2'"  sing N N 19  
127 "C2'" "C1'"  sing N N 20  
127 "C2'" "H2'"  sing N N 21  
127 "O2'" "CA'"  sing N N 22  
127 "C1'" N1     sing N N 23  
127 "C1'" "H1'"  sing N N 24  
127 N1    C2     sing N N 25  
127 N1    C6     sing N N 26  
127 C2    O2     doub N N 27  
127 C2    N3     sing N N 28  
127 N3    C4     sing N N 29  
127 N3    H3     sing N N 30  
127 C4    O4     doub N N 31  
127 C4    C5     sing N N 32  
127 C5    C5M    sing N N 33  
127 C5    C6     doub N N 34  
127 C5M   H71    sing N N 35  
127 C5M   H72    sing N N 36  
127 C5M   H73    sing N N 37  
127 C6    H6     sing N N 38  
127 "CA'" "CB'"  sing N N 39  
127 "CA'" "HA'1" sing N N 40  
127 "CA'" "HA'2" sing N N 41  
127 "CB'" "OC'"  sing N N 42  
127 "CB'" "HB'1" sing N N 43  
127 "CB'" "HB'2" sing N N 44  
127 "OC'" "ND'"  sing N N 45  
127 "ND'" "HD'1" sing N N 46  
127 "ND'" "HD'2" sing N N 47  
DA  OP3   P      sing N N 48  
DA  OP3   HOP3   sing N N 49  
DA  P     OP1    doub N N 50  
DA  P     OP2    sing N N 51  
DA  P     "O5'"  sing N N 52  
DA  OP2   HOP2   sing N N 53  
DA  "O5'" "C5'"  sing N N 54  
DA  "C5'" "C4'"  sing N N 55  
DA  "C5'" "H5'"  sing N N 56  
DA  "C5'" "H5''" sing N N 57  
DA  "C4'" "O4'"  sing N N 58  
DA  "C4'" "C3'"  sing N N 59  
DA  "C4'" "H4'"  sing N N 60  
DA  "O4'" "C1'"  sing N N 61  
DA  "C3'" "O3'"  sing N N 62  
DA  "C3'" "C2'"  sing N N 63  
DA  "C3'" "H3'"  sing N N 64  
DA  "O3'" "HO3'" sing N N 65  
DA  "C2'" "C1'"  sing N N 66  
DA  "C2'" "H2'"  sing N N 67  
DA  "C2'" "H2''" sing N N 68  
DA  "C1'" N9     sing N N 69  
DA  "C1'" "H1'"  sing N N 70  
DA  N9    C8     sing Y N 71  
DA  N9    C4     sing Y N 72  
DA  C8    N7     doub Y N 73  
DA  C8    H8     sing N N 74  
DA  N7    C5     sing Y N 75  
DA  C5    C6     sing Y N 76  
DA  C5    C4     doub Y N 77  
DA  C6    N6     sing N N 78  
DA  C6    N1     doub Y N 79  
DA  N6    H61    sing N N 80  
DA  N6    H62    sing N N 81  
DA  N1    C2     sing Y N 82  
DA  C2    N3     doub Y N 83  
DA  C2    H2     sing N N 84  
DA  N3    C4     sing Y N 85  
DC  OP3   P      sing N N 86  
DC  OP3   HOP3   sing N N 87  
DC  P     OP1    doub N N 88  
DC  P     OP2    sing N N 89  
DC  P     "O5'"  sing N N 90  
DC  OP2   HOP2   sing N N 91  
DC  "O5'" "C5'"  sing N N 92  
DC  "C5'" "C4'"  sing N N 93  
DC  "C5'" "H5'"  sing N N 94  
DC  "C5'" "H5''" sing N N 95  
DC  "C4'" "O4'"  sing N N 96  
DC  "C4'" "C3'"  sing N N 97  
DC  "C4'" "H4'"  sing N N 98  
DC  "O4'" "C1'"  sing N N 99  
DC  "C3'" "O3'"  sing N N 100 
DC  "C3'" "C2'"  sing N N 101 
DC  "C3'" "H3'"  sing N N 102 
DC  "O3'" "HO3'" sing N N 103 
DC  "C2'" "C1'"  sing N N 104 
DC  "C2'" "H2'"  sing N N 105 
DC  "C2'" "H2''" sing N N 106 
DC  "C1'" N1     sing N N 107 
DC  "C1'" "H1'"  sing N N 108 
DC  N1    C2     sing N N 109 
DC  N1    C6     sing N N 110 
DC  C2    O2     doub N N 111 
DC  C2    N3     sing N N 112 
DC  N3    C4     doub N N 113 
DC  C4    N4     sing N N 114 
DC  C4    C5     sing N N 115 
DC  N4    H41    sing N N 116 
DC  N4    H42    sing N N 117 
DC  C5    C6     doub N N 118 
DC  C5    H5     sing N N 119 
DC  C6    H6     sing N N 120 
DG  OP3   P      sing N N 121 
DG  OP3   HOP3   sing N N 122 
DG  P     OP1    doub N N 123 
DG  P     OP2    sing N N 124 
DG  P     "O5'"  sing N N 125 
DG  OP2   HOP2   sing N N 126 
DG  "O5'" "C5'"  sing N N 127 
DG  "C5'" "C4'"  sing N N 128 
DG  "C5'" "H5'"  sing N N 129 
DG  "C5'" "H5''" sing N N 130 
DG  "C4'" "O4'"  sing N N 131 
DG  "C4'" "C3'"  sing N N 132 
DG  "C4'" "H4'"  sing N N 133 
DG  "O4'" "C1'"  sing N N 134 
DG  "C3'" "O3'"  sing N N 135 
DG  "C3'" "C2'"  sing N N 136 
DG  "C3'" "H3'"  sing N N 137 
DG  "O3'" "HO3'" sing N N 138 
DG  "C2'" "C1'"  sing N N 139 
DG  "C2'" "H2'"  sing N N 140 
DG  "C2'" "H2''" sing N N 141 
DG  "C1'" N9     sing N N 142 
DG  "C1'" "H1'"  sing N N 143 
DG  N9    C8     sing Y N 144 
DG  N9    C4     sing Y N 145 
DG  C8    N7     doub Y N 146 
DG  C8    H8     sing N N 147 
DG  N7    C5     sing Y N 148 
DG  C5    C6     sing N N 149 
DG  C5    C4     doub Y N 150 
DG  C6    O6     doub N N 151 
DG  C6    N1     sing N N 152 
DG  N1    C2     sing N N 153 
DG  N1    H1     sing N N 154 
DG  C2    N2     sing N N 155 
DG  C2    N3     doub N N 156 
DG  N2    H21    sing N N 157 
DG  N2    H22    sing N N 158 
DG  N3    C4     sing N N 159 
DT  OP3   P      sing N N 160 
DT  OP3   HOP3   sing N N 161 
DT  P     OP1    doub N N 162 
DT  P     OP2    sing N N 163 
DT  P     "O5'"  sing N N 164 
DT  OP2   HOP2   sing N N 165 
DT  "O5'" "C5'"  sing N N 166 
DT  "C5'" "C4'"  sing N N 167 
DT  "C5'" "H5'"  sing N N 168 
DT  "C5'" "H5''" sing N N 169 
DT  "C4'" "O4'"  sing N N 170 
DT  "C4'" "C3'"  sing N N 171 
DT  "C4'" "H4'"  sing N N 172 
DT  "O4'" "C1'"  sing N N 173 
DT  "C3'" "O3'"  sing N N 174 
DT  "C3'" "C2'"  sing N N 175 
DT  "C3'" "H3'"  sing N N 176 
DT  "O3'" "HO3'" sing N N 177 
DT  "C2'" "C1'"  sing N N 178 
DT  "C2'" "H2'"  sing N N 179 
DT  "C2'" "H2''" sing N N 180 
DT  "C1'" N1     sing N N 181 
DT  "C1'" "H1'"  sing N N 182 
DT  N1    C2     sing N N 183 
DT  N1    C6     sing N N 184 
DT  C2    O2     doub N N 185 
DT  C2    N3     sing N N 186 
DT  N3    C4     sing N N 187 
DT  N3    H3     sing N N 188 
DT  C4    O4     doub N N 189 
DT  C4    C5     sing N N 190 
DT  C5    C7     sing N N 191 
DT  C5    C6     doub N N 192 
DT  C7    H71    sing N N 193 
DT  C7    H72    sing N N 194 
DT  C7    H73    sing N N 195 
DT  C6    H6     sing N N 196 
HOH O     H1     sing N N 197 
HOH O     H2     sing N N 198 
# 
_ndb_struct_conf_na.entry_id   1I0F 
_ndb_struct_conf_na.feature    'a-form double helix' 
# 
loop_
_ndb_struct_na_base_pair.model_number 
_ndb_struct_na_base_pair.i_label_asym_id 
_ndb_struct_na_base_pair.i_label_comp_id 
_ndb_struct_na_base_pair.i_label_seq_id 
_ndb_struct_na_base_pair.i_symmetry 
_ndb_struct_na_base_pair.j_label_asym_id 
_ndb_struct_na_base_pair.j_label_comp_id 
_ndb_struct_na_base_pair.j_label_seq_id 
_ndb_struct_na_base_pair.j_symmetry 
_ndb_struct_na_base_pair.shear 
_ndb_struct_na_base_pair.stretch 
_ndb_struct_na_base_pair.stagger 
_ndb_struct_na_base_pair.buckle 
_ndb_struct_na_base_pair.propeller 
_ndb_struct_na_base_pair.opening 
_ndb_struct_na_base_pair.pair_number 
_ndb_struct_na_base_pair.pair_name 
_ndb_struct_na_base_pair.i_auth_asym_id 
_ndb_struct_na_base_pair.i_auth_seq_id 
_ndb_struct_na_base_pair.i_PDB_ins_code 
_ndb_struct_na_base_pair.j_auth_asym_id 
_ndb_struct_na_base_pair.j_auth_seq_id 
_ndb_struct_na_base_pair.j_PDB_ins_code 
_ndb_struct_na_base_pair.hbond_type_28 
_ndb_struct_na_base_pair.hbond_type_12 
1 A DG  1  1_555 B DC  10 1_555 -0.285 -0.169 0.232  1.610  -7.520  -1.823 1  A_DG1:DC20_B  A 1  ? B 20 ? 19 1 
1 A DC  2  1_555 B DG  9  1_555 0.143  -0.101 -0.155 8.488  -15.588 1.054  2  A_DC2:DG19_B  A 2  ? B 19 ? 19 1 
1 A DG  3  1_555 B DC  8  1_555 -0.229 -0.056 0.020  -7.115 -14.078 2.666  3  A_DG3:DC18_B  A 3  ? B 18 ? 19 1 
1 A DT  4  1_555 B DA  7  1_555 -0.100 -0.092 -0.012 -3.733 -15.567 -1.384 4  A_DT4:DA17_B  A 4  ? B 17 ? 20 1 
1 A DA  5  1_555 B 127 6  1_555 0.222  -0.056 0.309  -1.499 -11.020 -4.261 5  A_DA5:12716_B A 5  ? B 16 ? 20 1 
1 A 127 6  1_555 B DA  5  1_555 -0.041 -0.072 0.384  5.384  -13.979 4.816  6  A_1276:DA15_B A 6  ? B 15 ? 20 1 
1 A DA  7  1_555 B DT  4  1_555 0.006  -0.140 0.090  2.098  -12.630 2.279  7  A_DA7:DT14_B  A 7  ? B 14 ? 20 1 
1 A DC  8  1_555 B DG  3  1_555 0.220  -0.169 0.003  6.152  -12.439 -0.296 8  A_DC8:DG13_B  A 8  ? B 13 ? 19 1 
1 A DG  9  1_555 B DC  2  1_555 -0.228 -0.163 0.044  -5.901 -9.151  2.660  9  A_DG9:DC12_B  A 9  ? B 12 ? 19 1 
1 A DC  10 1_555 B DG  1  1_555 0.194  -0.160 0.083  -4.858 5.001   -0.281 10 A_DC10:DG11_B A 10 ? B 11 ? 19 1 
# 
loop_
_ndb_struct_na_base_pair_step.model_number 
_ndb_struct_na_base_pair_step.i_label_asym_id_1 
_ndb_struct_na_base_pair_step.i_label_comp_id_1 
_ndb_struct_na_base_pair_step.i_label_seq_id_1 
_ndb_struct_na_base_pair_step.i_symmetry_1 
_ndb_struct_na_base_pair_step.j_label_asym_id_1 
_ndb_struct_na_base_pair_step.j_label_comp_id_1 
_ndb_struct_na_base_pair_step.j_label_seq_id_1 
_ndb_struct_na_base_pair_step.j_symmetry_1 
_ndb_struct_na_base_pair_step.i_label_asym_id_2 
_ndb_struct_na_base_pair_step.i_label_comp_id_2 
_ndb_struct_na_base_pair_step.i_label_seq_id_2 
_ndb_struct_na_base_pair_step.i_symmetry_2 
_ndb_struct_na_base_pair_step.j_label_asym_id_2 
_ndb_struct_na_base_pair_step.j_label_comp_id_2 
_ndb_struct_na_base_pair_step.j_label_seq_id_2 
_ndb_struct_na_base_pair_step.j_symmetry_2 
_ndb_struct_na_base_pair_step.shift 
_ndb_struct_na_base_pair_step.slide 
_ndb_struct_na_base_pair_step.rise 
_ndb_struct_na_base_pair_step.tilt 
_ndb_struct_na_base_pair_step.roll 
_ndb_struct_na_base_pair_step.twist 
_ndb_struct_na_base_pair_step.x_displacement 
_ndb_struct_na_base_pair_step.y_displacement 
_ndb_struct_na_base_pair_step.helical_rise 
_ndb_struct_na_base_pair_step.inclination 
_ndb_struct_na_base_pair_step.tip 
_ndb_struct_na_base_pair_step.helical_twist 
_ndb_struct_na_base_pair_step.step_number 
_ndb_struct_na_base_pair_step.step_name 
_ndb_struct_na_base_pair_step.i_auth_asym_id_1 
_ndb_struct_na_base_pair_step.i_auth_seq_id_1 
_ndb_struct_na_base_pair_step.i_PDB_ins_code_1 
_ndb_struct_na_base_pair_step.j_auth_asym_id_1 
_ndb_struct_na_base_pair_step.j_auth_seq_id_1 
_ndb_struct_na_base_pair_step.j_PDB_ins_code_1 
_ndb_struct_na_base_pair_step.i_auth_asym_id_2 
_ndb_struct_na_base_pair_step.i_auth_seq_id_2 
_ndb_struct_na_base_pair_step.i_PDB_ins_code_2 
_ndb_struct_na_base_pair_step.j_auth_asym_id_2 
_ndb_struct_na_base_pair_step.j_auth_seq_id_2 
_ndb_struct_na_base_pair_step.j_PDB_ins_code_2 
1 A DG  1 1_555 B DC  10 1_555 A DC  2  1_555 B DG  9 1_555 0.318  -1.385 3.109 3.737  0.994  39.416 -2.155 -0.054 3.091 1.469  
-5.524 39.598 1 AA_DG1DC2:DG19DC20_BB   A 1 ? B 20 ? A 2  ? B 19 ? 
1 A DC  2 1_555 B DG  9  1_555 A DG  3  1_555 B DC  8 1_555 0.324  -2.071 3.573 -0.324 11.236 25.833 -6.802 -0.739 2.469 23.752 
0.686  28.135 2 AA_DC2DG3:DC18DG19_BB   A 2 ? B 19 ? A 3  ? B 18 ? 
1 A DG  3 1_555 B DC  8  1_555 A DT  4  1_555 B DA  7 1_555 -1.235 -1.493 3.100 -2.122 5.307  36.179 -3.052 1.696  2.925 8.481  
3.390  36.613 3 AA_DG3DT4:DA17DC18_BB   A 3 ? B 18 ? A 4  ? B 17 ? 
1 A DT  4 1_555 B DA  7  1_555 A DA  5  1_555 B 127 6 1_555 0.670  -1.684 3.102 0.875  19.142 26.568 -5.634 -1.071 1.583 36.262 
-1.658 32.656 4 AA_DT4DA5:12716DA17_BB  A 4 ? B 17 ? A 5  ? B 16 ? 
1 A DA  5 1_555 B 127 6  1_555 A 127 6  1_555 B DA  5 1_555 0.817  -1.428 3.079 1.379  4.785  31.620 -3.381 -1.254 2.870 8.713  
-2.512 32.000 5 AA_DA51276:DA1512716_BB A 5 ? B 16 ? A 6  ? B 15 ? 
1 A 127 6 1_555 B DA  5  1_555 A DA  7  1_555 B DT  4 1_555 -0.279 -1.473 3.108 1.677  15.170 31.117 -4.472 0.690  2.162 26.383 
-2.916 34.575 6 AA_1276DA7:DT14DA15_BB  A 6 ? B 15 ? A 7  ? B 14 ? 
1 A DA  7 1_555 B DT  4  1_555 A DC  8  1_555 B DG  3 1_555 0.128  -1.682 3.277 0.406  3.012  31.748 -3.597 -0.161 3.110 5.490  
-0.741 31.890 7 AA_DA7DC8:DG13DT14_BB   A 7 ? B 14 ? A 8  ? B 13 ? 
1 A DC  8 1_555 B DG  3  1_555 A DG  9  1_555 B DC  2 1_555 -0.148 -1.955 3.426 0.153  11.782 28.495 -5.831 0.307  2.443 22.746 
-0.296 30.789 8 AA_DC8DG9:DC12DG13_BB   A 8 ? B 13 ? A 9  ? B 12 ? 
1 A DG  9 1_555 B DC  2  1_555 A DC  10 1_555 B DG  1 1_555 0.222  -1.737 3.370 0.933  1.456  35.153 -3.094 -0.225 3.303 2.410  
-1.543 35.194 9 AA_DG9DC10:DG11DC12_BB  A 9 ? B 12 ? A 10 ? B 11 ? 
# 
_atom_sites.entry_id                    1I0F 
_atom_sites.fract_transf_matrix[1][1]   -0.00351768 
_atom_sites.fract_transf_matrix[1][2]   -0.01742840 
_atom_sites.fract_transf_matrix[1][3]   -0.03584909 
_atom_sites.fract_transf_matrix[2][1]   -0.00845450 
_atom_sites.fract_transf_matrix[2][2]   -0.01835310 
_atom_sites.fract_transf_matrix[2][3]   0.00975214 
_atom_sites.fract_transf_matrix[3][1]   -0.02043672 
_atom_sites.fract_transf_matrix[3][2]   0.00832844 
_atom_sites.fract_transf_matrix[3][3]   -0.00204361 
_atom_sites.fract_transf_vector[1]      0.121202 
_atom_sites.fract_transf_vector[2]      0.044224 
_atom_sites.fract_transf_vector[3]      0.263909 
# 
loop_
_atom_type.symbol 
BA 
C  
N  
O  
P  
# 
loop_
_atom_site.group_PDB 
_atom_site.id 
_atom_site.type_symbol 
_atom_site.label_atom_id 
_atom_site.label_alt_id 
_atom_site.label_comp_id 
_atom_site.label_asym_id 
_atom_site.label_entity_id 
_atom_site.label_seq_id 
_atom_site.pdbx_PDB_ins_code 
_atom_site.Cartn_x 
_atom_site.Cartn_y 
_atom_site.Cartn_z 
_atom_site.occupancy 
_atom_site.B_iso_or_equiv 
_atom_site.pdbx_formal_charge 
_atom_site.auth_seq_id 
_atom_site.auth_comp_id 
_atom_site.auth_asym_id 
_atom_site.auth_atom_id 
_atom_site.pdbx_PDB_model_num 
ATOM   1   O  "O5'" . DG  A 1 1  ? -0.467  10.735  2.699   1.00 29.43 ? 1   DG  A "O5'" 1 
ATOM   2   C  "C5'" . DG  A 1 1  ? -1.171  11.819  2.080   1.00 27.14 ? 1   DG  A "C5'" 1 
ATOM   3   C  "C4'" . DG  A 1 1  ? -0.131  12.636  1.350   1.00 26.22 ? 1   DG  A "C4'" 1 
ATOM   4   O  "O4'" . DG  A 1 1  ? 0.879   13.054  2.295   1.00 24.97 ? 1   DG  A "O4'" 1 
ATOM   5   C  "C3'" . DG  A 1 1  ? 0.629   11.833  0.302   1.00 24.90 ? 1   DG  A "C3'" 1 
ATOM   6   O  "O3'" . DG  A 1 1  ? -0.064  11.893  -0.938  1.00 24.45 ? 1   DG  A "O3'" 1 
ATOM   7   C  "C2'" . DG  A 1 1  ? 1.985   12.534  0.262   1.00 24.67 ? 1   DG  A "C2'" 1 
ATOM   8   C  "C1'" . DG  A 1 1  ? 2.191   12.940  1.719   1.00 24.13 ? 1   DG  A "C1'" 1 
ATOM   9   N  N9    . DG  A 1 1  ? 2.933   11.983  2.538   1.00 22.66 ? 1   DG  A N9    1 
ATOM   10  C  C8    . DG  A 1 1  ? 2.446   11.322  3.642   1.00 22.77 ? 1   DG  A C8    1 
ATOM   11  N  N7    . DG  A 1 1  ? 3.311   10.501  4.177   1.00 22.29 ? 1   DG  A N7    1 
ATOM   12  C  C5    . DG  A 1 1  ? 4.452   10.644  3.389   1.00 21.82 ? 1   DG  A C5    1 
ATOM   13  C  C6    . DG  A 1 1  ? 5.736   10.015  3.487   1.00 21.28 ? 1   DG  A C6    1 
ATOM   14  O  O6    . DG  A 1 1  ? 6.148   9.203   4.328   1.00 21.01 ? 1   DG  A O6    1 
ATOM   15  N  N1    . DG  A 1 1  ? 6.582   10.433  2.466   1.00 20.54 ? 1   DG  A N1    1 
ATOM   16  C  C2    . DG  A 1 1  ? 6.245   11.354  1.499   1.00 20.16 ? 1   DG  A C2    1 
ATOM   17  N  N2    . DG  A 1 1  ? 7.180   11.641  0.574   1.00 19.90 ? 1   DG  A N2    1 
ATOM   18  N  N3    . DG  A 1 1  ? 5.077   11.952  1.419   1.00 20.95 ? 1   DG  A N3    1 
ATOM   19  C  C4    . DG  A 1 1  ? 4.231   11.550  2.376   1.00 21.92 ? 1   DG  A C4    1 
ATOM   20  P  P     . DC  A 1 2  ? -0.160  10.590  -1.854  1.00 24.31 ? 2   DC  A P     1 
ATOM   21  O  OP1   . DC  A 1 2  ? -1.081  10.874  -2.988  1.00 24.38 ? 2   DC  A OP1   1 
ATOM   22  O  OP2   . DC  A 1 2  ? -0.396  9.398   -0.970  1.00 24.20 ? 2   DC  A OP2   1 
ATOM   23  O  "O5'" . DC  A 1 2  ? 1.294   10.416  -2.491  1.00 23.10 ? 2   DC  A "O5'" 1 
ATOM   24  C  "C5'" . DC  A 1 2  ? 1.876   11.417  -3.328  1.00 21.81 ? 2   DC  A "C5'" 1 
ATOM   25  C  "C4'" . DC  A 1 2  ? 3.346   11.114  -3.517  1.00 20.34 ? 2   DC  A "C4'" 1 
ATOM   26  O  "O4'" . DC  A 1 2  ? 4.006   11.158  -2.235  1.00 19.69 ? 2   DC  A "O4'" 1 
ATOM   27  C  "C3'" . DC  A 1 2  ? 3.643   9.717   -4.042  1.00 19.59 ? 2   DC  A "C3'" 1 
ATOM   28  O  "O3'" . DC  A 1 2  ? 3.574   9.716   -5.452  1.00 20.62 ? 2   DC  A "O3'" 1 
ATOM   29  C  "C2'" . DC  A 1 2  ? 5.051   9.445   -3.528  1.00 18.59 ? 2   DC  A "C2'" 1 
ATOM   30  C  "C1'" . DC  A 1 2  ? 5.059   10.175  -2.187  1.00 18.87 ? 2   DC  A "C1'" 1 
ATOM   31  N  N1    . DC  A 1 2  ? 4.838   9.304   -1.009  1.00 18.90 ? 2   DC  A N1    1 
ATOM   32  C  C2    . DC  A 1 2  ? 5.946   8.667   -0.436  1.00 19.23 ? 2   DC  A C2    1 
ATOM   33  O  O2    . DC  A 1 2  ? 7.047   8.794   -0.987  1.00 19.96 ? 2   DC  A O2    1 
ATOM   34  N  N3    . DC  A 1 2  ? 5.790   7.915   0.693   1.00 18.98 ? 2   DC  A N3    1 
ATOM   35  C  C4    . DC  A 1 2  ? 4.579   7.778   1.226   1.00 18.84 ? 2   DC  A C4    1 
ATOM   36  N  N4    . DC  A 1 2  ? 4.478   7.057   2.338   1.00 18.99 ? 2   DC  A N4    1 
ATOM   37  C  C5    . DC  A 1 2  ? 3.417   8.388   0.637   1.00 18.38 ? 2   DC  A C5    1 
ATOM   38  C  C6    . DC  A 1 2  ? 3.594   9.130   -0.472  1.00 19.51 ? 2   DC  A C6    1 
ATOM   39  P  P     . DG  A 1 3  ? 3.451   8.330   -6.238  1.00 21.02 ? 3   DG  A P     1 
ATOM   40  O  OP1   . DG  A 1 3  ? 3.393   8.639   -7.680  1.00 21.82 ? 3   DG  A OP1   1 
ATOM   41  O  OP2   . DG  A 1 3  ? 2.350   7.583   -5.592  1.00 21.61 ? 3   DG  A OP2   1 
ATOM   42  O  "O5'" . DG  A 1 3  ? 4.859   7.671   -5.865  1.00 20.97 ? 3   DG  A "O5'" 1 
ATOM   43  C  "C5'" . DG  A 1 3  ? 5.031   6.254   -5.752  1.00 20.46 ? 3   DG  A "C5'" 1 
ATOM   44  C  "C4'" . DG  A 1 3  ? 6.447   5.976   -5.302  1.00 19.91 ? 3   DG  A "C4'" 1 
ATOM   45  O  "O4'" . DG  A 1 3  ? 6.569   6.478   -3.957  1.00 19.47 ? 3   DG  A "O4'" 1 
ATOM   46  C  "C3'" . DG  A 1 3  ? 6.814   4.509   -5.214  1.00 20.44 ? 3   DG  A "C3'" 1 
ATOM   47  O  "O3'" . DG  A 1 3  ? 7.345   4.062   -6.452  1.00 19.80 ? 3   DG  A "O3'" 1 
ATOM   48  C  "C2'" . DG  A 1 3  ? 7.851   4.486   -4.114  1.00 19.37 ? 3   DG  A "C2'" 1 
ATOM   49  C  "C1'" . DG  A 1 3  ? 7.348   5.573   -3.184  1.00 18.89 ? 3   DG  A "C1'" 1 
ATOM   50  N  N9    . DG  A 1 3  ? 6.517   5.100   -2.077  1.00 18.73 ? 3   DG  A N9    1 
ATOM   51  C  C8    . DG  A 1 3  ? 5.232   5.466   -1.787  1.00 18.38 ? 3   DG  A C8    1 
ATOM   52  N  N7    . DG  A 1 3  ? 4.798   4.942   -0.671  1.00 18.54 ? 3   DG  A N7    1 
ATOM   53  C  C5    . DG  A 1 3  ? 5.855   4.180   -0.207  1.00 18.45 ? 3   DG  A C5    1 
ATOM   54  C  C6    . DG  A 1 3  ? 5.982   3.418   0.961   1.00 18.58 ? 3   DG  A C6    1 
ATOM   55  O  O6    . DG  A 1 3  ? 5.140   3.262   1.869   1.00 18.81 ? 3   DG  A O6    1 
ATOM   56  N  N1    . DG  A 1 3  ? 7.231   2.800   1.045   1.00 18.27 ? 3   DG  A N1    1 
ATOM   57  C  C2    . DG  A 1 3  ? 8.220   2.906   0.102   1.00 18.77 ? 3   DG  A C2    1 
ATOM   58  N  N2    . DG  A 1 3  ? 9.358   2.220   0.330   1.00 18.55 ? 3   DG  A N2    1 
ATOM   59  N  N3    . DG  A 1 3  ? 8.108   3.632   -0.998  1.00 18.73 ? 3   DG  A N3    1 
ATOM   60  C  C4    . DG  A 1 3  ? 6.914   4.238   -1.084  1.00 18.60 ? 3   DG  A C4    1 
ATOM   61  P  P     . DT  A 1 4  ? 7.101   2.551   -6.907  1.00 20.17 ? 4   DT  A P     1 
ATOM   62  O  OP1   . DT  A 1 4  ? 7.615   2.511   -8.323  1.00 20.49 ? 4   DT  A OP1   1 
ATOM   63  O  OP2   . DT  A 1 4  ? 5.757   2.080   -6.607  1.00 19.10 ? 4   DT  A OP2   1 
ATOM   64  O  "O5'" . DT  A 1 4  ? 8.045   1.702   -5.957  1.00 19.13 ? 4   DT  A "O5'" 1 
ATOM   65  C  "C5'" . DT  A 1 4  ? 9.459   1.641   -6.203  1.00 19.39 ? 4   DT  A "C5'" 1 
ATOM   66  C  "C4'" . DT  A 1 4  ? 10.073  0.559   -5.347  1.00 18.96 ? 4   DT  A "C4'" 1 
ATOM   67  O  "O4'" . DT  A 1 4  ? 9.940   0.927   -3.949  1.00 20.08 ? 4   DT  A "O4'" 1 
ATOM   68  C  "C3'" . DT  A 1 4  ? 9.339   -0.764  -5.451  1.00 19.41 ? 4   DT  A "C3'" 1 
ATOM   69  O  "O3'" . DT  A 1 4  ? 9.753   -1.532  -6.589  1.00 21.10 ? 4   DT  A "O3'" 1 
ATOM   70  C  "C2'" . DT  A 1 4  ? 9.649   -1.435  -4.129  1.00 18.52 ? 4   DT  A "C2'" 1 
ATOM   71  C  "C1'" . DT  A 1 4  ? 9.726   -0.252  -3.166  1.00 19.13 ? 4   DT  A "C1'" 1 
ATOM   72  N  N1    . DT  A 1 4  ? 8.484   -0.060  -2.405  1.00 17.53 ? 4   DT  A N1    1 
ATOM   73  C  C2    . DT  A 1 4  ? 8.362   -0.672  -1.175  1.00 18.08 ? 4   DT  A C2    1 
ATOM   74  O  O2    . DT  A 1 4  ? 9.224   -1.414  -0.717  1.00 17.87 ? 4   DT  A O2    1 
ATOM   75  N  N3    . DT  A 1 4  ? 7.191   -0.388  -0.509  1.00 17.81 ? 4   DT  A N3    1 
ATOM   76  C  C4    . DT  A 1 4  ? 6.125   0.376   -0.984  1.00 16.58 ? 4   DT  A C4    1 
ATOM   77  O  O4    . DT  A 1 4  ? 5.106   0.521   -0.303  1.00 16.10 ? 4   DT  A O4    1 
ATOM   78  C  C5    . DT  A 1 4  ? 6.307   0.938   -2.304  1.00 16.50 ? 4   DT  A C5    1 
ATOM   79  C  C7    . DT  A 1 4  ? 5.180   1.706   -2.930  1.00 17.80 ? 4   DT  A C7    1 
ATOM   80  C  C6    . DT  A 1 4  ? 7.470   0.721   -2.925  1.00 17.54 ? 4   DT  A C6    1 
ATOM   81  P  P     . DA  A 1 5  ? 8.717   -2.527  -7.254  1.00 22.31 ? 5   DA  A P     1 
ATOM   82  O  OP1   . DA  A 1 5  ? 9.409   -3.114  -8.455  1.00 23.92 ? 5   DA  A OP1   1 
ATOM   83  O  OP2   . DA  A 1 5  ? 7.379   -1.900  -7.422  1.00 23.27 ? 5   DA  A OP2   1 
ATOM   84  O  "O5'" . DA  A 1 5  ? 8.528   -3.645  -6.137  1.00 22.00 ? 5   DA  A "O5'" 1 
ATOM   85  C  "C5'" . DA  A 1 5  ? 7.262   -4.256  -5.879  1.00 21.79 ? 5   DA  A "C5'" 1 
ATOM   86  C  "C4'" . DA  A 1 5  ? 7.358   -5.093  -4.629  1.00 20.99 ? 5   DA  A "C4'" 1 
ATOM   87  O  "O4'" . DA  A 1 5  ? 7.576   -4.240  -3.492  1.00 19.83 ? 5   DA  A "O4'" 1 
ATOM   88  C  "C3'" . DA  A 1 5  ? 6.112   -5.880  -4.274  1.00 21.45 ? 5   DA  A "C3'" 1 
ATOM   89  O  "O3'" . DA  A 1 5  ? 6.051   -7.097  -5.034  1.00 22.30 ? 5   DA  A "O3'" 1 
ATOM   90  C  "C2'" . DA  A 1 5  ? 6.291   -6.102  -2.789  1.00 20.04 ? 5   DA  A "C2'" 1 
ATOM   91  C  "C1'" . DA  A 1 5  ? 6.954   -4.792  -2.343  1.00 19.65 ? 5   DA  A "C1'" 1 
ATOM   92  N  N9    . DA  A 1 5  ? 5.953   -3.825  -1.893  1.00 19.25 ? 5   DA  A N9    1 
ATOM   93  C  C8    . DA  A 1 5  ? 5.451   -2.744  -2.580  1.00 18.88 ? 5   DA  A C8    1 
ATOM   94  N  N7    . DA  A 1 5  ? 4.514   -2.098  -1.926  1.00 18.46 ? 5   DA  A N7    1 
ATOM   95  C  C5    . DA  A 1 5  ? 4.410   -2.785  -0.725  1.00 18.41 ? 5   DA  A C5    1 
ATOM   96  C  C6    . DA  A 1 5  ? 3.605   -2.580  0.409   1.00 18.52 ? 5   DA  A C6    1 
ATOM   97  N  N6    . DA  A 1 5  ? 2.737   -1.577  0.515   1.00 17.52 ? 5   DA  A N6    1 
ATOM   98  N  N1    . DA  A 1 5  ? 3.737   -3.443  1.438   1.00 17.77 ? 5   DA  A N1    1 
ATOM   99  C  C2    . DA  A 1 5  ? 4.624   -4.422  1.331   1.00 18.60 ? 5   DA  A C2    1 
ATOM   100 N  N3    . DA  A 1 5  ? 5.448   -4.708  0.313   1.00 18.65 ? 5   DA  A N3    1 
ATOM   101 C  C4    . DA  A 1 5  ? 5.286   -3.842  -0.685  1.00 18.83 ? 5   DA  A C4    1 
HETATM 102 P  P     . 127 A 1 6  ? 4.634   -7.726  -5.397  1.00 22.87 ? 6   127 A P     1 
HETATM 103 O  OP1   . 127 A 1 6  ? 4.970   -8.963  -6.235  1.00 24.01 ? 6   127 A OP1   1 
HETATM 104 O  OP2   . 127 A 1 6  ? 3.801   -6.699  -5.978  1.00 22.58 ? 6   127 A OP2   1 
HETATM 105 O  "O5'" . 127 A 1 6  ? 4.069   -8.195  -3.988  1.00 21.86 ? 6   127 A "O5'" 1 
HETATM 106 C  "C5'" . 127 A 1 6  ? 4.763   -9.176  -3.210  1.00 22.54 ? 6   127 A "C5'" 1 
HETATM 107 C  "C4'" . 127 A 1 6  ? 4.065   -9.379  -1.891  1.00 22.40 ? 6   127 A "C4'" 1 
HETATM 108 O  "O4'" . 127 A 1 6  ? 4.274   -8.204  -1.069  1.00 22.29 ? 6   127 A "O4'" 1 
HETATM 109 C  "C3'" . 127 A 1 6  ? 2.556   -9.500  -1.946  1.00 22.86 ? 6   127 A "C3'" 1 
HETATM 110 O  "O3'" . 127 A 1 6  ? 2.144   -10.808 -2.310  1.00 22.21 ? 6   127 A "O3'" 1 
HETATM 111 C  "C2'" . 127 A 1 6  ? 2.184   -9.165  -0.512  1.00 22.43 ? 6   127 A "C2'" 1 
HETATM 112 O  "O2'" . 127 A 1 6  ? 2.576   -10.257 0.312   1.00 23.27 ? 6   127 A "O2'" 1 
HETATM 113 C  "C1'" . 127 A 1 6  ? 3.119   -7.978  -0.274  1.00 21.97 ? 6   127 A "C1'" 1 
HETATM 114 N  N1    . 127 A 1 6  ? 2.496   -6.691  -0.686  1.00 21.23 ? 6   127 A N1    1 
HETATM 115 C  C2    . 127 A 1 6  ? 1.732   -6.093  0.275   1.00 20.99 ? 6   127 A C2    1 
HETATM 116 O  O2    . 127 A 1 6  ? 1.565   -6.597  1.383   1.00 21.78 ? 6   127 A O2    1 
HETATM 117 N  N3    . 127 A 1 6  ? 1.161   -4.903  -0.090  1.00 20.99 ? 6   127 A N3    1 
HETATM 118 C  C4    . 127 A 1 6  ? 1.243   -4.279  -1.314  1.00 21.01 ? 6   127 A C4    1 
HETATM 119 O  O4    . 127 A 1 6  ? 0.639   -3.224  -1.509  1.00 20.73 ? 6   127 A O4    1 
HETATM 120 C  C5    . 127 A 1 6  ? 2.062   -4.960  -2.299  1.00 21.05 ? 6   127 A C5    1 
HETATM 121 C  C5M   . 127 A 1 6  ? 2.196   -4.360  -3.669  1.00 20.32 ? 6   127 A C5M   1 
HETATM 122 C  C6    . 127 A 1 6  ? 2.659   -6.120  -1.935  1.00 21.13 ? 6   127 A C6    1 
HETATM 123 C  "CA'" . 127 A 1 6  ? 2.107   -10.226 1.644   1.00 24.78 ? 6   127 A "CA'" 1 
HETATM 124 C  "CB'" . 127 A 1 6  ? 2.672   -11.358 2.304   1.00 26.96 ? 6   127 A "CB'" 1 
HETATM 125 O  "OC'" . 127 A 1 6  ? 2.051   -12.533 1.776   1.00 29.45 ? 6   127 A "OC'" 1 
HETATM 126 N  "ND'" . 127 A 1 6  ? 2.508   -13.648 2.621   1.00 31.19 ? 6   127 A "ND'" 1 
ATOM   127 P  P     . DA  A 1 7  ? 0.738   -10.995 -3.052  1.00 23.11 ? 7   DA  A P     1 
ATOM   128 O  OP1   . DA  A 1 7  ? 0.713   -12.441 -3.518  1.00 23.33 ? 7   DA  A OP1   1 
ATOM   129 O  OP2   . DA  A 1 7  ? 0.536   -9.941  -4.030  1.00 22.22 ? 7   DA  A OP2   1 
ATOM   130 O  "O5'" . DA  A 1 7  ? -0.344  -10.799 -1.901  1.00 22.20 ? 7   DA  A "O5'" 1 
ATOM   131 C  "C5'" . DA  A 1 7  ? -0.429  -11.711 -0.816  1.00 22.43 ? 7   DA  A "C5'" 1 
ATOM   132 C  "C4'" . DA  A 1 7  ? -1.468  -11.238 0.168   1.00 21.63 ? 7   DA  A "C4'" 1 
ATOM   133 O  "O4'" . DA  A 1 7  ? -0.996  -10.027 0.802   1.00 21.59 ? 7   DA  A "O4'" 1 
ATOM   134 C  "C3'" . DA  A 1 7  ? -2.812  -10.862 -0.439  1.00 21.83 ? 7   DA  A "C3'" 1 
ATOM   135 O  "O3'" . DA  A 1 7  ? -3.651  -11.998 -0.654  1.00 21.74 ? 7   DA  A "O3'" 1 
ATOM   136 C  "C2'" . DA  A 1 7  ? -3.379  -9.934  0.613   1.00 21.41 ? 7   DA  A "C2'" 1 
ATOM   137 C  "C1'" . DA  A 1 7  ? -2.126  -9.190  1.090   1.00 21.21 ? 7   DA  A "C1'" 1 
ATOM   138 N  N9    . DA  A 1 7  ? -1.966  -7.952  0.327   1.00 20.02 ? 7   DA  A N9    1 
ATOM   139 C  C8    . DA  A 1 7  ? -1.280  -7.716  -0.849  1.00 19.91 ? 7   DA  A C8    1 
ATOM   140 N  N7    . DA  A 1 7  ? -1.407  -6.482  -1.292  1.00 19.76 ? 7   DA  A N7    1 
ATOM   141 C  C5    . DA  A 1 7  ? -2.214  -5.873  -0.337  1.00 19.26 ? 7   DA  A C5    1 
ATOM   142 C  C6    . DA  A 1 7  ? -2.747  -4.571  -0.232  1.00 19.40 ? 7   DA  A C6    1 
ATOM   143 N  N6    . DA  A 1 7  ? -2.516  -3.584  -1.133  1.00 18.48 ? 7   DA  A N6    1 
ATOM   144 N  N1    . DA  A 1 7  ? -3.542  -4.310  0.825   1.00 19.25 ? 7   DA  A N1    1 
ATOM   145 C  C2    . DA  A 1 7  ? -3.786  -5.269  1.711   1.00 19.36 ? 7   DA  A C2    1 
ATOM   146 N  N3    . DA  A 1 7  ? -3.327  -6.541  1.735   1.00 19.47 ? 7   DA  A N3    1 
ATOM   147 C  C4    . DA  A 1 7  ? -2.552  -6.768  0.663   1.00 19.46 ? 7   DA  A C4    1 
ATOM   148 P  P     . DC  A 1 8  ? -4.842  -11.908 -1.716  1.00 22.52 ? 8   DC  A P     1 
ATOM   149 O  OP1   . DC  A 1 8  ? -5.402  -13.293 -1.760  1.00 22.65 ? 8   DC  A OP1   1 
ATOM   150 O  OP2   . DC  A 1 8  ? -4.380  -11.228 -2.954  1.00 21.46 ? 8   DC  A OP2   1 
ATOM   151 O  "O5'" . DC  A 1 8  ? -5.948  -10.978 -1.049  1.00 20.68 ? 8   DC  A "O5'" 1 
ATOM   152 C  "C5'" . DC  A 1 8  ? -6.598  -11.390 0.166   1.00 20.41 ? 8   DC  A "C5'" 1 
ATOM   153 C  "C4'" . DC  A 1 8  ? -7.393  -10.242 0.735   1.00 19.32 ? 8   DC  A "C4'" 1 
ATOM   154 O  "O4'" . DC  A 1 8  ? -6.501  -9.146  1.030   1.00 20.07 ? 8   DC  A "O4'" 1 
ATOM   155 C  "C3'" . DC  A 1 8  ? -8.455  -9.627  -0.166  1.00 19.93 ? 8   DC  A "C3'" 1 
ATOM   156 O  "O3'" . DC  A 1 8  ? -9.655  -10.394 -0.171  1.00 22.38 ? 8   DC  A "O3'" 1 
ATOM   157 C  "C2'" . DC  A 1 8  ? -8.638  -8.265  0.486   1.00 19.21 ? 8   DC  A "C2'" 1 
ATOM   158 C  "C1'" . DC  A 1 8  ? -7.216  -7.908  0.881   1.00 18.93 ? 8   DC  A "C1'" 1 
ATOM   159 N  N1    . DC  A 1 8  ? -6.551  -7.098  -0.160  1.00 18.36 ? 8   DC  A N1    1 
ATOM   160 C  C2    . DC  A 1 8  ? -6.805  -5.745  -0.178  1.00 18.29 ? 8   DC  A C2    1 
ATOM   161 O  O2    . DC  A 1 8  ? -7.542  -5.288  0.704   1.00 18.43 ? 8   DC  A O2    1 
ATOM   162 N  N3    . DC  A 1 8  ? -6.260  -4.958  -1.152  1.00 18.38 ? 8   DC  A N3    1 
ATOM   163 C  C4    . DC  A 1 8  ? -5.495  -5.506  -2.089  1.00 18.68 ? 8   DC  A C4    1 
ATOM   164 N  N4    . DC  A 1 8  ? -5.019  -4.710  -3.078  1.00 18.09 ? 8   DC  A N4    1 
ATOM   165 C  C5    . DC  A 1 8  ? -5.193  -6.908  -2.078  1.00 18.87 ? 8   DC  A C5    1 
ATOM   166 C  C6    . DC  A 1 8  ? -5.737  -7.655  -1.106  1.00 18.97 ? 8   DC  A C6    1 
ATOM   167 P  P     . DG  A 1 9  ? -10.716 -10.221 -1.364  1.00 21.95 ? 9   DG  A P     1 
ATOM   168 O  OP1   . DG  A 1 9  ? -11.827 -11.164 -1.151  1.00 23.78 ? 9   DG  A OP1   1 
ATOM   169 O  OP2   . DG  A 1 9  ? -10.020 -10.181 -2.671  1.00 24.03 ? 9   DG  A OP2   1 
ATOM   170 O  "O5'" . DG  A 1 9  ? -11.307 -8.764  -1.169  1.00 21.22 ? 9   DG  A "O5'" 1 
ATOM   171 C  "C5'" . DG  A 1 9  ? -12.073 -8.432  -0.024  1.00 20.33 ? 9   DG  A "C5'" 1 
ATOM   172 C  "C4'" . DG  A 1 9  ? -12.544 -6.996  -0.121  1.00 20.15 ? 9   DG  A "C4'" 1 
ATOM   173 O  "O4'" . DG  A 1 9  ? -11.449 -6.084  0.018   1.00 20.52 ? 9   DG  A "O4'" 1 
ATOM   174 C  "C3'" . DG  A 1 9  ? -13.161 -6.598  -1.455  1.00 21.22 ? 9   DG  A "C3'" 1 
ATOM   175 O  "O3'" . DG  A 1 9  ? -14.515 -6.941  -1.549  1.00 22.62 ? 9   DG  A "O3'" 1 
ATOM   176 C  "C2'" . DG  A 1 9  ? -13.046 -5.086  -1.421  1.00 20.84 ? 9   DG  A "C2'" 1 
ATOM   177 C  "C1'" . DG  A 1 9  ? -11.694 -4.903  -0.760  1.00 20.69 ? 9   DG  A "C1'" 1 
ATOM   178 N  N9    . DG  A 1 9  ? -10.644 -4.793  -1.770  1.00 20.82 ? 9   DG  A N9    1 
ATOM   179 C  C8    . DG  A 1 9  ? -9.775  -5.768  -2.203  1.00 20.68 ? 9   DG  A C8    1 
ATOM   180 N  N7    . DG  A 1 9  ? -8.944  -5.342  -3.120  1.00 20.94 ? 9   DG  A N7    1 
ATOM   181 C  C5    . DG  A 1 9  ? -9.281  -4.012  -3.292  1.00 20.55 ? 9   DG  A C5    1 
ATOM   182 C  C6    . DG  A 1 9  ? -8.726  -3.002  -4.170  1.00 20.33 ? 9   DG  A C6    1 
ATOM   183 O  O6    . DG  A 1 9  ? -7.752  -3.100  -4.965  1.00 19.66 ? 9   DG  A O6    1 
ATOM   184 N  N1    . DG  A 1 9  ? -9.417  -1.795  -4.039  1.00 20.22 ? 9   DG  A N1    1 
ATOM   185 C  C2    . DG  A 1 9  ? -10.483 -1.567  -3.176  1.00 21.21 ? 9   DG  A C2    1 
ATOM   186 N  N2    . DG  A 1 9  ? -11.014 -0.319  -3.139  1.00 21.08 ? 9   DG  A N2    1 
ATOM   187 N  N3    . DG  A 1 9  ? -10.990 -2.490  -2.377  1.00 20.79 ? 9   DG  A N3    1 
ATOM   188 C  C4    . DG  A 1 9  ? -10.342 -3.668  -2.478  1.00 20.47 ? 9   DG  A C4    1 
ATOM   189 P  P     . DC  A 1 10 ? -15.177 -7.086  -3.005  1.00 22.98 ? 10  DC  A P     1 
ATOM   190 O  OP1   . DC  A 1 10 ? -16.556 -7.500  -2.680  1.00 24.85 ? 10  DC  A OP1   1 
ATOM   191 O  OP2   . DC  A 1 10 ? -14.342 -7.899  -3.910  1.00 23.40 ? 10  DC  A OP2   1 
ATOM   192 O  "O5'" . DC  A 1 10 ? -15.177 -5.603  -3.575  1.00 21.65 ? 10  DC  A "O5'" 1 
ATOM   193 C  "C5'" . DC  A 1 10 ? -16.019 -4.587  -3.017  1.00 20.98 ? 10  DC  A "C5'" 1 
ATOM   194 C  "C4'" . DC  A 1 10 ? -15.964 -3.341  -3.870  1.00 20.40 ? 10  DC  A "C4'" 1 
ATOM   195 O  "O4'" . DC  A 1 10 ? -14.654 -2.744  -3.761  1.00 19.78 ? 10  DC  A "O4'" 1 
ATOM   196 C  "C3'" . DC  A 1 10 ? -16.200 -3.494  -5.374  1.00 20.58 ? 10  DC  A "C3'" 1 
ATOM   197 O  "O3'" . DC  A 1 10 ? -17.582 -3.490  -5.730  1.00 20.39 ? 10  DC  A "O3'" 1 
ATOM   198 C  "C2'" . DC  A 1 10 ? -15.519 -2.258  -5.927  1.00 20.52 ? 10  DC  A "C2'" 1 
ATOM   199 C  "C1'" . DC  A 1 10 ? -14.337 -2.047  -4.979  1.00 20.44 ? 10  DC  A "C1'" 1 
ATOM   200 N  N1    . DC  A 1 10 ? -13.090 -2.610  -5.523  1.00 20.42 ? 10  DC  A N1    1 
ATOM   201 C  C2    . DC  A 1 10 ? -12.326 -1.819  -6.379  1.00 20.60 ? 10  DC  A C2    1 
ATOM   202 O  O2    . DC  A 1 10 ? -12.709 -0.641  -6.625  1.00 21.05 ? 10  DC  A O2    1 
ATOM   203 N  N3    . DC  A 1 10 ? -11.203 -2.338  -6.937  1.00 20.63 ? 10  DC  A N3    1 
ATOM   204 C  C4    . DC  A 1 10 ? -10.861 -3.607  -6.689  1.00 20.00 ? 10  DC  A C4    1 
ATOM   205 N  N4    . DC  A 1 10 ? -9.814  -4.110  -7.345  1.00 20.25 ? 10  DC  A N4    1 
ATOM   206 C  C5    . DC  A 1 10 ? -11.605 -4.427  -5.775  1.00 20.56 ? 10  DC  A C5    1 
ATOM   207 C  C6    . DC  A 1 10 ? -12.703 -3.893  -5.224  1.00 20.00 ? 10  DC  A C6    1 
ATOM   208 O  "O5'" . DG  B 1 1  ? -3.581  2.816   -11.133 1.00 30.93 ? 11  DG  B "O5'" 1 
ATOM   209 C  "C5'" . DG  B 1 1  ? -3.965  4.061   -11.780 1.00 29.92 ? 11  DG  B "C5'" 1 
ATOM   210 C  "C4'" . DG  B 1 1  ? -5.399  4.432   -11.472 1.00 28.51 ? 11  DG  B "C4'" 1 
ATOM   211 O  "O4'" . DG  B 1 1  ? -6.293  3.445   -12.033 1.00 28.93 ? 11  DG  B "O4'" 1 
ATOM   212 C  "C3'" . DG  B 1 1  ? -5.725  4.472   -9.986  1.00 27.89 ? 11  DG  B "C3'" 1 
ATOM   213 O  "O3'" . DG  B 1 1  ? -5.421  5.760   -9.459  1.00 27.04 ? 11  DG  B "O3'" 1 
ATOM   214 C  "C2'" . DG  B 1 1  ? -7.212  4.156   -9.949  1.00 27.73 ? 11  DG  B "C2'" 1 
ATOM   215 C  "C1'" . DG  B 1 1  ? -7.373  3.183   -11.118 1.00 27.12 ? 11  DG  B "C1'" 1 
ATOM   216 N  N9    . DG  B 1 1  ? -7.301  1.771   -10.732 1.00 25.80 ? 11  DG  B N9    1 
ATOM   217 C  C8    . DG  B 1 1  ? -6.339  0.849   -11.095 1.00 25.52 ? 11  DG  B C8    1 
ATOM   218 N  N7    . DG  B 1 1  ? -6.570  -0.347  -10.622 1.00 25.29 ? 11  DG  B N7    1 
ATOM   219 C  C5    . DG  B 1 1  ? -7.755  -0.209  -9.897  1.00 24.71 ? 11  DG  B C5    1 
ATOM   220 C  C6    . DG  B 1 1  ? -8.505  -1.165  -9.157  1.00 24.59 ? 11  DG  B C6    1 
ATOM   221 O  O6    . DG  B 1 1  ? -8.269  -2.378  -8.995  1.00 24.46 ? 11  DG  B O6    1 
ATOM   222 N  N1    . DG  B 1 1  ? -9.630  -0.586  -8.562  1.00 23.56 ? 11  DG  B N1    1 
ATOM   223 C  C2    . DG  B 1 1  ? -9.973  0.735   -8.662  1.00 23.65 ? 11  DG  B C2    1 
ATOM   224 N  N2    . DG  B 1 1  ? -11.073 1.118   -7.999  1.00 22.40 ? 11  DG  B N2    1 
ATOM   225 N  N3    . DG  B 1 1  ? -9.290  1.628   -9.352  1.00 24.16 ? 11  DG  B N3    1 
ATOM   226 C  C4    . DG  B 1 1  ? -8.206  1.094   -9.942  1.00 24.83 ? 11  DG  B C4    1 
ATOM   227 P  P     . DC  B 1 2  ? -4.933  5.899   -7.952  1.00 27.95 ? 12  DC  B P     1 
ATOM   228 O  OP1   . DC  B 1 2  ? -4.539  7.300   -7.613  1.00 27.73 ? 12  DC  B OP1   1 
ATOM   229 O  OP2   . DC  B 1 2  ? -4.017  4.774   -7.616  1.00 27.48 ? 12  DC  B OP2   1 
ATOM   230 O  "O5'" . DC  B 1 2  ? -6.275  5.646   -7.131  1.00 26.68 ? 12  DC  B "O5'" 1 
ATOM   231 C  "C5'" . DC  B 1 2  ? -7.388  6.554   -7.270  1.00 25.34 ? 12  DC  B "C5'" 1 
ATOM   232 C  "C4'" . DC  B 1 2  ? -8.557  6.054   -6.458  1.00 23.56 ? 12  DC  B "C4'" 1 
ATOM   233 O  "O4'" . DC  B 1 2  ? -9.040  4.814   -7.025  1.00 23.08 ? 12  DC  B "O4'" 1 
ATOM   234 C  "C3'" . DC  B 1 2  ? -8.212  5.701   -5.030  1.00 23.68 ? 12  DC  B "C3'" 1 
ATOM   235 O  "O3'" . DC  B 1 2  ? -8.168  6.843   -4.176  1.00 23.68 ? 12  DC  B "O3'" 1 
ATOM   236 C  "C2'" . DC  B 1 2  ? -9.293  4.700   -4.668  1.00 22.53 ? 12  DC  B "C2'" 1 
ATOM   237 C  "C1'" . DC  B 1 2  ? -9.473  3.939   -5.974  1.00 21.93 ? 12  DC  B "C1'" 1 
ATOM   238 N  N1    . DC  B 1 2  ? -8.653  2.705   -6.043  1.00 21.34 ? 12  DC  B N1    1 
ATOM   239 C  C2    . DC  B 1 2  ? -9.115  1.543   -5.386  1.00 20.75 ? 12  DC  B C2    1 
ATOM   240 O  O2    . DC  B 1 2  ? -10.167 1.608   -4.736  1.00 20.00 ? 12  DC  B O2    1 
ATOM   241 N  N3    . DC  B 1 2  ? -8.397  0.409   -5.471  1.00 20.54 ? 12  DC  B N3    1 
ATOM   242 C  C4    . DC  B 1 2  ? -7.255  0.393   -6.167  1.00 20.91 ? 12  DC  B C4    1 
ATOM   243 N  N4    . DC  B 1 2  ? -6.608  -0.763  -6.281  1.00 20.01 ? 12  DC  B N4    1 
ATOM   244 C  C5    . DC  B 1 2  ? -6.732  1.576   -6.798  1.00 20.70 ? 12  DC  B C5    1 
ATOM   245 C  C6    . DC  B 1 2  ? -7.462  2.689   -6.721  1.00 21.33 ? 12  DC  B C6    1 
ATOM   246 P  P     . DG  B 1 3  ? -7.176  6.814   -2.925  1.00 26.29 ? 13  DG  B P     1 
ATOM   247 O  OP1   . DG  B 1 3  ? -7.258  8.066   -2.120  1.00 25.15 ? 13  DG  B OP1   1 
ATOM   248 O  OP2   . DG  B 1 3  ? -5.855  6.363   -3.465  1.00 25.06 ? 13  DG  B OP2   1 
ATOM   249 O  "O5'" . DG  B 1 3  ? -7.742  5.666   -1.985  1.00 24.26 ? 13  DG  B "O5'" 1 
ATOM   250 C  "C5'" . DG  B 1 3  ? -8.948  5.867   -1.280  1.00 23.62 ? 13  DG  B "C5'" 1 
ATOM   251 C  "C4'" . DG  B 1 3  ? -9.376  4.585   -0.616  1.00 22.62 ? 13  DG  B "C4'" 1 
ATOM   252 O  "O4'" . DG  B 1 3  ? -9.532  3.520   -1.586  1.00 22.06 ? 13  DG  B "O4'" 1 
ATOM   253 C  "C3'" . DG  B 1 3  ? -8.401  4.021   0.390   1.00 21.54 ? 13  DG  B "C3'" 1 
ATOM   254 O  "O3'" . DG  B 1 3  ? -8.478  4.716   1.618   1.00 21.80 ? 13  DG  B "O3'" 1 
ATOM   255 C  "C2'" . DG  B 1 3  ? -8.892  2.592   0.517   1.00 21.91 ? 13  DG  B "C2'" 1 
ATOM   256 C  "C1'" . DG  B 1 3  ? -9.316  2.271   -0.909  1.00 21.31 ? 13  DG  B "C1'" 1 
ATOM   257 N  N9    . DG  B 1 3  ? -8.263  1.534   -1.591  1.00 21.70 ? 13  DG  B N9    1 
ATOM   258 C  C8    . DG  B 1 3  ? -7.363  1.955   -2.552  1.00 21.23 ? 13  DG  B C8    1 
ATOM   259 N  N7    . DG  B 1 3  ? -6.530  1.009   -2.920  1.00 21.10 ? 13  DG  B N7    1 
ATOM   260 C  C5    . DG  B 1 3  ? -6.913  -0.099  -2.168  1.00 20.64 ? 13  DG  B C5    1 
ATOM   261 C  C6    . DG  B 1 3  ? -6.393  -1.426  -2.132  1.00 20.42 ? 13  DG  B C6    1 
ATOM   262 O  O6    . DG  B 1 3  ? -5.442  -1.917  -2.791  1.00 19.84 ? 13  DG  B O6    1 
ATOM   263 N  N1    . DG  B 1 3  ? -7.080  -2.212  -1.219  1.00 20.04 ? 13  DG  B N1    1 
ATOM   264 C  C2    . DG  B 1 3  ? -8.122  -1.800  -0.443  1.00 20.70 ? 13  DG  B C2    1 
ATOM   265 N  N2    . DG  B 1 3  ? -8.633  -2.722  0.409   1.00 20.17 ? 13  DG  B N2    1 
ATOM   266 N  N3    . DG  B 1 3  ? -8.630  -0.572  -0.471  1.00 20.53 ? 13  DG  B N3    1 
ATOM   267 C  C4    . DG  B 1 3  ? -7.977  0.213   -1.345  1.00 21.13 ? 13  DG  B C4    1 
ATOM   268 P  P     . DT  B 1 4  ? -7.226  4.711   2.585   1.00 21.58 ? 14  DT  B P     1 
ATOM   269 O  OP1   . DT  B 1 4  ? -7.593  5.664   3.690   1.00 21.92 ? 14  DT  B OP1   1 
ATOM   270 O  OP2   . DT  B 1 4  ? -6.007  4.879   1.812   1.00 20.75 ? 14  DT  B OP2   1 
ATOM   271 O  "O5'" . DT  B 1 4  ? -7.217  3.236   3.218   1.00 20.40 ? 14  DT  B "O5'" 1 
ATOM   272 C  "C5'" . DT  B 1 4  ? -8.301  2.799   4.032   1.00 21.52 ? 14  DT  B "C5'" 1 
ATOM   273 C  "C4'" . DT  B 1 4  ? -8.117  1.358   4.453   1.00 20.74 ? 14  DT  B "C4'" 1 
ATOM   274 O  "O4'" . DT  B 1 4  ? -8.268  0.457   3.344   1.00 19.99 ? 14  DT  B "O4'" 1 
ATOM   275 C  "C3'" . DT  B 1 4  ? -6.759  1.024   5.026   1.00 21.29 ? 14  DT  B "C3'" 1 
ATOM   276 O  "O3'" . DT  B 1 4  ? -6.678  1.460   6.370   1.00 22.14 ? 14  DT  B "O3'" 1 
ATOM   277 C  "C2'" . DT  B 1 4  ? -6.719  -0.488  4.879   1.00 19.71 ? 14  DT  B "C2'" 1 
ATOM   278 C  "C1'" . DT  B 1 4  ? -7.382  -0.670  3.523   1.00 19.56 ? 14  DT  B "C1'" 1 
ATOM   279 N  N1    . DT  B 1 4  ? -6.338  -0.629  2.480   1.00 19.38 ? 14  DT  B N1    1 
ATOM   280 C  C2    . DT  B 1 4  ? -5.719  -1.841  2.246   1.00 19.08 ? 14  DT  B C2    1 
ATOM   281 O  O2    . DT  B 1 4  ? -5.988  -2.828  2.892   1.00 19.13 ? 14  DT  B O2    1 
ATOM   282 N  N3    . DT  B 1 4  ? -4.761  -1.835  1.270   1.00 18.85 ? 14  DT  B N3    1 
ATOM   283 C  C4    . DT  B 1 4  ? -4.340  -0.748  0.535   1.00 19.61 ? 14  DT  B C4    1 
ATOM   284 O  O4    . DT  B 1 4  ? -3.473  -0.887  -0.323  1.00 19.31 ? 14  DT  B O4    1 
ATOM   285 C  C5    . DT  B 1 4  ? -4.997  0.513   0.851   1.00 18.82 ? 14  DT  B C5    1 
ATOM   286 C  C7    . DT  B 1 4  ? -4.557  1.744   0.111   1.00 18.83 ? 14  DT  B C7    1 
ATOM   287 C  C6    . DT  B 1 4  ? -5.963  0.514   1.785   1.00 18.70 ? 14  DT  B C6    1 
ATOM   288 P  P     . DA  B 1 5  ? -5.258  1.804   7.002   1.00 24.22 ? 15  DA  B P     1 
ATOM   289 O  OP1   . DA  B 1 5  ? -5.574  2.281   8.405   1.00 24.24 ? 15  DA  B OP1   1 
ATOM   290 O  OP2   . DA  B 1 5  ? -4.372  2.587   6.115   1.00 23.35 ? 15  DA  B OP2   1 
ATOM   291 O  "O5'" . DA  B 1 5  ? -4.540  0.385   7.144   1.00 22.63 ? 15  DA  B "O5'" 1 
ATOM   292 C  "C5'" . DA  B 1 5  ? -5.135  -0.649  7.925   1.00 22.02 ? 15  DA  B "C5'" 1 
ATOM   293 C  "C4'" . DA  B 1 5  ? -4.380  -1.943  7.737   1.00 20.59 ? 15  DA  B "C4'" 1 
ATOM   294 O  "O4'" . DA  B 1 5  ? -4.579  -2.420  6.392   1.00 19.71 ? 15  DA  B "O4'" 1 
ATOM   295 C  "C3'" . DA  B 1 5  ? -2.865  -1.850  7.895   1.00 20.23 ? 15  DA  B "C3'" 1 
ATOM   296 O  "O3'" . DA  B 1 5  ? -2.464  -1.910  9.262   1.00 20.17 ? 15  DA  B "O3'" 1 
ATOM   297 C  "C2'" . DA  B 1 5  ? -2.414  -3.077  7.138   1.00 19.64 ? 15  DA  B "C2'" 1 
ATOM   298 C  "C1'" . DA  B 1 5  ? -3.410  -3.121  5.985   1.00 19.63 ? 15  DA  B "C1'" 1 
ATOM   299 N  N9    . DA  B 1 5  ? -2.867  -2.431  4.826   1.00 18.39 ? 15  DA  B N9    1 
ATOM   300 C  C8    . DA  B 1 5  ? -3.110  -1.152  4.371   1.00 18.59 ? 15  DA  B C8    1 
ATOM   301 N  N7    . DA  B 1 5  ? -2.458  -0.858  3.264   1.00 18.00 ? 15  DA  B N7    1 
ATOM   302 C  C5    . DA  B 1 5  ? -1.745  -2.025  2.972   1.00 17.61 ? 15  DA  B C5    1 
ATOM   303 C  C6    . DA  B 1 5  ? -0.850  -2.376  1.926   1.00 18.12 ? 15  DA  B C6    1 
ATOM   304 N  N6    . DA  B 1 5  ? -0.546  -1.574  0.892   1.00 17.96 ? 15  DA  B N6    1 
ATOM   305 N  N1    . DA  B 1 5  ? -0.271  -3.605  1.983   1.00 17.61 ? 15  DA  B N1    1 
ATOM   306 C  C2    . DA  B 1 5  ? -0.587  -4.418  2.990   1.00 17.36 ? 15  DA  B C2    1 
ATOM   307 N  N3    . DA  B 1 5  ? -1.417  -4.219  4.006   1.00 17.58 ? 15  DA  B N3    1 
ATOM   308 C  C4    . DA  B 1 5  ? -1.970  -2.991  3.940   1.00 18.39 ? 15  DA  B C4    1 
HETATM 309 P  P     . 127 B 1 6  ? -1.042  -1.304  9.711   1.00 19.93 ? 16  127 B P     1 
HETATM 310 O  OP1   . 127 B 1 6  ? -1.160  -1.208  11.234  1.00 21.54 ? 16  127 B OP1   1 
HETATM 311 O  OP2   . 127 B 1 6  ? -0.666  -0.100  8.939   1.00 20.74 ? 16  127 B OP2   1 
HETATM 312 O  "O5'" . 127 B 1 6  ? 0.032   -2.414  9.383   1.00 20.68 ? 16  127 B "O5'" 1 
HETATM 313 C  "C5'" . 127 B 1 6  ? -0.023  -3.701  9.955   1.00 20.66 ? 16  127 B "C5'" 1 
HETATM 314 C  "C4'" . 127 B 1 6  ? 0.990   -4.582  9.283   1.00 20.90 ? 16  127 B "C4'" 1 
HETATM 315 O  "O4'" . 127 B 1 6  ? 0.582   -4.859  7.909   1.00 19.02 ? 16  127 B "O4'" 1 
HETATM 316 C  "C3'" . 127 B 1 6  ? 2.381   -3.970  9.109   1.00 21.37 ? 16  127 B "C3'" 1 
HETATM 317 O  "O3'" . 127 B 1 6  ? 3.205   -4.014  10.284  1.00 22.28 ? 16  127 B "O3'" 1 
HETATM 318 C  "C2'" . 127 B 1 6  ? 2.947   -4.881  8.033   1.00 21.02 ? 16  127 B "C2'" 1 
HETATM 319 O  "O2'" . 127 B 1 6  ? 3.243   -6.153  8.584   1.00 22.65 ? 16  127 B "O2'" 1 
HETATM 320 C  "C1'" . 127 B 1 6  ? 1.736   -4.994  7.103   1.00 20.09 ? 16  127 B "C1'" 1 
HETATM 321 N  N1    . 127 B 1 6  ? 1.738   -3.910  6.091   1.00 19.59 ? 16  127 B N1    1 
HETATM 322 C  C2    . 127 B 1 6  ? 2.482   -4.132  4.959   1.00 19.72 ? 16  127 B C2    1 
HETATM 323 O  O2    . 127 B 1 6  ? 3.158   -5.143  4.795   1.00 19.95 ? 16  127 B O2    1 
HETATM 324 N  N3    . 127 B 1 6  ? 2.424   -3.119  4.027   1.00 19.52 ? 16  127 B N3    1 
HETATM 325 C  C4    . 127 B 1 6  ? 1.726   -1.927  4.132   1.00 19.76 ? 16  127 B C4    1 
HETATM 326 O  O4    . 127 B 1 6  ? 1.741   -1.134  3.206   1.00 19.63 ? 16  127 B O4    1 
HETATM 327 C  C5    . 127 B 1 6  ? 0.990   -1.741  5.367   1.00 20.01 ? 16  127 B C5    1 
HETATM 328 C  C5M   . 127 B 1 6  ? 0.226   -0.458  5.578   1.00 20.24 ? 16  127 B C5M   1 
HETATM 329 C  C6    . 127 B 1 6  ? 1.025   -2.735  6.272   1.00 19.52 ? 16  127 B C6    1 
HETATM 330 C  "CA'" . 127 B 1 6  ? 3.991   -7.061  7.746   1.00 24.59 ? 16  127 B "CA'" 1 
HETATM 331 C  "CB'" . 127 B 1 6  ? 4.104   -8.383  8.351   1.00 25.18 ? 16  127 B "CB'" 1 
HETATM 332 O  "OC'" . 127 B 1 6  ? 5.075   -8.438  9.411   1.00 27.88 ? 16  127 B "OC'" 1 
HETATM 333 N  "ND'" . 127 B 1 6  ? 6.365   -7.764  9.021   1.00 27.42 ? 16  127 B "ND'" 1 
ATOM   334 P  P     . DA  B 1 7  ? 4.238   -2.823  10.590  1.00 23.37 ? 17  DA  B P     1 
ATOM   335 O  OP1   . DA  B 1 7  ? 4.712   -3.038  12.002  1.00 23.13 ? 17  DA  B OP1   1 
ATOM   336 O  OP2   . DA  B 1 7  ? 3.739   -1.492  10.230  1.00 23.43 ? 17  DA  B OP2   1 
ATOM   337 O  "O5'" . DA  B 1 7  ? 5.469   -3.175  9.631   1.00 23.12 ? 17  DA  B "O5'" 1 
ATOM   338 C  "C5'" . DA  B 1 7  ? 6.216   -4.402  9.813   1.00 23.13 ? 17  DA  B "C5'" 1 
ATOM   339 C  "C4'" . DA  B 1 7  ? 7.218   -4.574  8.696   1.00 23.44 ? 17  DA  B "C4'" 1 
ATOM   340 O  "O4'" . DA  B 1 7  ? 6.531   -4.837  7.453   1.00 22.50 ? 17  DA  B "O4'" 1 
ATOM   341 C  "C3'" . DA  B 1 7  ? 8.102   -3.368  8.395   1.00 24.39 ? 17  DA  B "C3'" 1 
ATOM   342 O  "O3'" . DA  B 1 7  ? 9.207   -3.272  9.299   1.00 25.42 ? 17  DA  B "O3'" 1 
ATOM   343 C  "C2'" . DA  B 1 7  ? 8.547   -3.665  6.974   1.00 23.41 ? 17  DA  B "C2'" 1 
ATOM   344 C  "C1'" . DA  B 1 7  ? 7.305   -4.313  6.368   1.00 22.77 ? 17  DA  B "C1'" 1 
ATOM   345 N  N9    . DA  B 1 7  ? 6.505   -3.300  5.680   1.00 21.06 ? 17  DA  B N9    1 
ATOM   346 C  C8    . DA  B 1 7  ? 5.439   -2.557  6.141   1.00 20.78 ? 17  DA  B C8    1 
ATOM   347 N  N7    . DA  B 1 7  ? 4.980   -1.699  5.264   1.00 19.60 ? 17  DA  B N7    1 
ATOM   348 C  C5    . DA  B 1 7  ? 5.787   -1.883  4.158   1.00 19.63 ? 17  DA  B C5    1 
ATOM   349 C  C6    . DA  B 1 7  ? 5.830   -1.256  2.909   1.00 19.33 ? 17  DA  B C6    1 
ATOM   350 N  N6    . DA  B 1 7  ? 5.008   -0.272  2.539   1.00 18.24 ? 17  DA  B N6    1 
ATOM   351 N  N1    . DA  B 1 7  ? 6.770   -1.674  2.040   1.00 19.08 ? 17  DA  B N1    1 
ATOM   352 C  C2    . DA  B 1 7  ? 7.594   -2.662  2.394   1.00 19.76 ? 17  DA  B C2    1 
ATOM   353 N  N3    . DA  B 1 7  ? 7.658   -3.324  3.537   1.00 20.11 ? 17  DA  B N3    1 
ATOM   354 C  C4    . DA  B 1 7  ? 6.724   -2.876  4.394   1.00 20.26 ? 17  DA  B C4    1 
ATOM   355 P  P     . DC  B 1 8  ? 9.780   -1.837  9.698   1.00 27.55 ? 18  DC  B P     1 
ATOM   356 O  OP1   . DC  B 1 8  ? 10.820  -2.081  10.715  1.00 28.37 ? 18  DC  B OP1   1 
ATOM   357 O  OP2   . DC  B 1 8  ? 8.710   -0.858  9.971   1.00 26.55 ? 18  DC  B OP2   1 
ATOM   358 O  "O5'" . DC  B 1 8  ? 10.523  -1.349  8.368   1.00 26.67 ? 18  DC  B "O5'" 1 
ATOM   359 C  "C5'" . DC  B 1 8  ? 11.578  -2.111  7.796   1.00 26.19 ? 18  DC  B "C5'" 1 
ATOM   360 C  "C4'" . DC  B 1 8  ? 11.892  -1.589  6.413   1.00 25.83 ? 18  DC  B "C4'" 1 
ATOM   361 O  "O4'" . DC  B 1 8  ? 10.761  -1.835  5.557   1.00 25.32 ? 18  DC  B "O4'" 1 
ATOM   362 C  "C3'" . DC  B 1 8  ? 12.147  -0.090  6.275   1.00 25.49 ? 18  DC  B "C3'" 1 
ATOM   363 O  "O3'" . DC  B 1 8  ? 13.490  0.298   6.586   1.00 26.56 ? 18  DC  B "O3'" 1 
ATOM   364 C  "C2'" . DC  B 1 8  ? 11.863  0.144   4.800   1.00 25.14 ? 18  DC  B "C2'" 1 
ATOM   365 C  "C1'" . DC  B 1 8  ? 10.724  -0.836  4.522   1.00 23.78 ? 18  DC  B "C1'" 1 
ATOM   366 N  N1    . DC  B 1 8  ? 9.444   -0.119  4.591   1.00 23.23 ? 18  DC  B N1    1 
ATOM   367 C  C2    . DC  B 1 8  ? 9.012   0.533   3.444   1.00 22.37 ? 18  DC  B C2    1 
ATOM   368 O  O2    . DC  B 1 8  ? 9.722   0.460   2.431   1.00 21.74 ? 18  DC  B O2    1 
ATOM   369 N  N3    . DC  B 1 8  ? 7.857   1.252   3.467   1.00 21.64 ? 18  DC  B N3    1 
ATOM   370 C  C4    . DC  B 1 8  ? 7.155   1.346   4.590   1.00 22.07 ? 18  DC  B C4    1 
ATOM   371 N  N4    . DC  B 1 8  ? 6.051   2.100   4.567   1.00 22.03 ? 18  DC  B N4    1 
ATOM   372 C  C5    . DC  B 1 8  ? 7.564   0.677   5.789   1.00 22.60 ? 18  DC  B C5    1 
ATOM   373 C  C6    . DC  B 1 8  ? 8.706   -0.043  5.746   1.00 23.00 ? 18  DC  B C6    1 
ATOM   374 P  P     . DG  B 1 9  ? 13.816  1.847   6.851   1.00 27.73 ? 19  DG  B P     1 
ATOM   375 O  OP1   . DG  B 1 9  ? 15.235  1.957   7.283   1.00 29.20 ? 19  DG  B OP1   1 
ATOM   376 O  OP2   . DG  B 1 9  ? 12.769  2.607   7.547   1.00 28.37 ? 19  DG  B OP2   1 
ATOM   377 O  "O5'" . DG  B 1 9  ? 13.713  2.566   5.429   1.00 26.77 ? 19  DG  B "O5'" 1 
ATOM   378 C  "C5'" . DG  B 1 9  ? 14.679  2.362   4.446   1.00 24.07 ? 19  DG  B "C5'" 1 
ATOM   379 C  "C4'" . DG  B 1 9  ? 14.219  2.988   3.147   1.00 23.12 ? 19  DG  B "C4'" 1 
ATOM   380 O  "O4'" . DG  B 1 9  ? 12.861  2.576   2.841   1.00 22.33 ? 19  DG  B "O4'" 1 
ATOM   381 C  "C3'" . DG  B 1 9  ? 14.176  4.514   3.081   1.00 22.72 ? 19  DG  B "C3'" 1 
ATOM   382 O  "O3'" . DG  B 1 9  ? 15.469  5.055   2.765   1.00 23.66 ? 19  DG  B "O3'" 1 
ATOM   383 C  "C2'" . DG  B 1 9  ? 13.218  4.751   1.923   1.00 21.11 ? 19  DG  B "C2'" 1 
ATOM   384 C  "C1'" . DG  B 1 9  ? 12.227  3.598   2.082   1.00 20.88 ? 19  DG  B "C1'" 1 
ATOM   385 N  N9    . DG  B 1 9  ? 11.004  4.002   2.763   1.00 19.97 ? 19  DG  B N9    1 
ATOM   386 C  C8    . DG  B 1 9  ? 10.533  3.626   3.990   1.00 20.13 ? 19  DG  B C8    1 
ATOM   387 N  N7    . DG  B 1 9  ? 9.351   4.136   4.265   1.00 19.99 ? 19  DG  B N7    1 
ATOM   388 C  C5    . DG  B 1 9  ? 9.038   4.901   3.147   1.00 19.31 ? 19  DG  B C5    1 
ATOM   389 C  C6    . DG  B 1 9  ? 7.879   5.682   2.835   1.00 18.90 ? 19  DG  B C6    1 
ATOM   390 O  O6    . DG  B 1 9  ? 6.816   5.848   3.504   1.00 19.22 ? 19  DG  B O6    1 
ATOM   391 N  N1    . DG  B 1 9  ? 8.007   6.307   1.600   1.00 19.16 ? 19  DG  B N1    1 
ATOM   392 C  C2    . DG  B 1 9  ? 9.103   6.201   0.774   1.00 18.89 ? 19  DG  B C2    1 
ATOM   393 N  N2    . DG  B 1 9  ? 9.060   6.906   -0.361  1.00 18.70 ? 19  DG  B N2    1 
ATOM   394 N  N3    . DG  B 1 9  ? 10.165  5.474   1.046   1.00 18.48 ? 19  DG  B N3    1 
ATOM   395 C  C4    . DG  B 1 9  ? 10.068  4.854   2.231   1.00 19.52 ? 19  DG  B C4    1 
ATOM   396 P  P     . DC  B 1 10 ? 15.846  6.566   3.194   1.00 22.29 ? 20  DC  B P     1 
ATOM   397 O  OP1   . DC  B 1 10 ? 17.302  6.691   2.869   1.00 23.34 ? 20  DC  B OP1   1 
ATOM   398 O  OP2   . DC  B 1 10 ? 15.363  6.828   4.558   1.00 23.53 ? 20  DC  B OP2   1 
ATOM   399 O  "O5'" . DC  B 1 10 ? 15.055  7.524   2.214   1.00 21.42 ? 20  DC  B "O5'" 1 
ATOM   400 C  "C5'" . DC  B 1 10 ? 15.306  7.535   0.805   1.00 18.98 ? 20  DC  B "C5'" 1 
ATOM   401 C  "C4'" . DC  B 1 10 ? 14.380  8.521   0.137   1.00 20.05 ? 20  DC  B "C4'" 1 
ATOM   402 O  "O4'" . DC  B 1 10 ? 13.024  8.066   0.295   1.00 19.04 ? 20  DC  B "O4'" 1 
ATOM   403 C  "C3'" . DC  B 1 10 ? 14.398  9.922   0.726   1.00 19.87 ? 20  DC  B "C3'" 1 
ATOM   404 O  "O3'" . DC  B 1 10 ? 15.408  10.734  0.092   1.00 22.85 ? 20  DC  B "O3'" 1 
ATOM   405 C  "C2'" . DC  B 1 10 ? 13.006  10.426  0.403   1.00 19.92 ? 20  DC  B "C2'" 1 
ATOM   406 C  "C1'" . DC  B 1 10 ? 12.151  9.171   0.415   1.00 19.74 ? 20  DC  B "C1'" 1 
ATOM   407 N  N1    . DC  B 1 10 ? 11.332  8.962   1.618   1.00 19.14 ? 20  DC  B N1    1 
ATOM   408 C  C2    . DC  B 1 10 ? 10.066  9.551   1.647   1.00 19.22 ? 20  DC  B C2    1 
ATOM   409 O  O2    . DC  B 1 10 ? 9.742   10.281  0.704   1.00 19.53 ? 20  DC  B O2    1 
ATOM   410 N  N3    . DC  B 1 10 ? 9.236   9.298   2.696   1.00 19.10 ? 20  DC  B N3    1 
ATOM   411 C  C4    . DC  B 1 10 ? 9.633   8.494   3.683   1.00 18.88 ? 20  DC  B C4    1 
ATOM   412 N  N4    . DC  B 1 10 ? 8.745   8.212   4.655   1.00 19.59 ? 20  DC  B N4    1 
ATOM   413 C  C5    . DC  B 1 10 ? 10.944  7.924   3.715   1.00 19.33 ? 20  DC  B C5    1 
ATOM   414 C  C6    . DC  B 1 10 ? 11.759  8.186   2.661   1.00 19.30 ? 20  DC  B C6    1 
HETATM 415 BA BA    . BA  C 2 .  ? 2.437   3.661   2.208   1.00 35.26 ? 22  BA  A BA    1 
HETATM 416 O  O     . HOH D 3 .  ? -18.571 -6.053  -5.204  1.00 19.20 ? 102 HOH A O     1 
HETATM 417 O  O     . HOH D 3 .  ? 7.288   -6.898  0.649   1.00 22.08 ? 104 HOH A O     1 
HETATM 418 O  O     . HOH D 3 .  ? 8.292   9.992   -3.020  1.00 21.24 ? 105 HOH A O     1 
HETATM 419 O  O     . HOH D 3 .  ? -0.981  -6.002  -3.923  1.00 24.21 ? 106 HOH A O     1 
HETATM 420 O  O     . HOH D 3 .  ? 5.529   -0.727  -5.815  1.00 23.36 ? 108 HOH A O     1 
HETATM 421 O  O     . HOH D 3 .  ? -18.438 -1.097  2.915   1.00 30.41 ? 109 HOH A O     1 
HETATM 422 O  O     . HOH D 3 .  ? 0.256   -8.054  3.365   1.00 25.44 ? 112 HOH A O     1 
HETATM 423 O  O     . HOH D 3 .  ? 2.290   -0.672  -3.170  1.00 28.20 ? 114 HOH A O     1 
HETATM 424 O  O     . HOH D 3 .  ? 0.398   6.942   -1.426  1.00 25.43 ? 116 HOH A O     1 
HETATM 425 O  O     . HOH D 3 .  ? 0.976   -7.429  -5.163  1.00 31.70 ? 117 HOH A O     1 
HETATM 426 O  O     . HOH D 3 .  ? 2.706   1.595   -0.053  1.00 30.72 ? 118 HOH A O     1 
HETATM 427 O  O     . HOH D 3 .  ? -11.456 -8.287  -4.648  1.00 32.04 ? 119 HOH A O     1 
HETATM 428 O  O     . HOH D 3 .  ? -0.134  -1.029  -3.452  1.00 26.84 ? 120 HOH A O     1 
HETATM 429 O  O     . HOH D 3 .  ? -13.138 -1.288  -1.317  1.00 26.91 ? 122 HOH A O     1 
HETATM 430 O  O     . HOH D 3 .  ? -15.952 -1.915  -0.373  1.00 29.27 ? 123 HOH A O     1 
HETATM 431 O  O     . HOH D 3 .  ? -7.496  -7.064  -4.741  1.00 29.07 ? 124 HOH A O     1 
HETATM 432 O  O     . HOH D 3 .  ? 3.027   3.053   -5.969  1.00 30.67 ? 125 HOH A O     1 
HETATM 433 O  O     . HOH D 3 .  ? 1.517   10.184  -9.106  1.00 35.35 ? 130 HOH A O     1 
HETATM 434 O  O     . HOH D 3 .  ? -8.997  -6.784  -6.920  1.00 28.45 ? 131 HOH A O     1 
HETATM 435 O  O     . HOH D 3 .  ? 2.427   6.440   -3.232  1.00 26.38 ? 132 HOH A O     1 
HETATM 436 O  O     . HOH D 3 .  ? -6.472  -9.502  -4.462  1.00 34.03 ? 133 HOH A O     1 
HETATM 437 O  O     . HOH D 3 .  ? 5.545   8.680   -9.160  1.00 31.30 ? 139 HOH A O     1 
HETATM 438 O  O     . HOH D 3 .  ? -0.386  8.068   -5.811  1.00 35.08 ? 140 HOH A O     1 
HETATM 439 O  O     . HOH D 3 .  ? 8.784   -6.007  -8.864  1.00 29.22 ? 142 HOH A O     1 
HETATM 440 O  O     . HOH D 3 .  ? -14.015 -10.755 -4.132  0.50 27.89 ? 143 HOH A O     1 
HETATM 441 O  O     . HOH D 3 .  ? 2.239   5.096   0.236   1.00 25.20 ? 145 HOH A O     1 
HETATM 442 O  O     . HOH D 3 .  ? -6.085  -4.708  -6.207  1.00 40.36 ? 150 HOH A O     1 
HETATM 443 O  O     . HOH D 3 .  ? -19.920 -2.832  -3.832  1.00 29.32 ? 152 HOH A O     1 
HETATM 444 O  O     . HOH D 3 .  ? -0.420  8.215   1.221   1.00 43.41 ? 154 HOH A O     1 
HETATM 445 O  O     . HOH D 3 .  ? -3.171  13.001  -2.313  1.00 38.06 ? 159 HOH A O     1 
HETATM 446 O  O     . HOH D 3 .  ? 2.598   3.677   -4.571  1.00 39.12 ? 160 HOH A O     1 
HETATM 447 O  O     . HOH D 3 .  ? -14.407 -12.278 -0.959  0.50 36.24 ? 164 HOH A O     1 
HETATM 448 O  O     . HOH D 3 .  ? -3.442  -6.168  -5.193  1.00 40.72 ? 168 HOH A O     1 
HETATM 449 O  O     . HOH D 3 .  ? -2.246  -9.754  -7.346  0.50 32.09 ? 169 HOH A O     1 
HETATM 450 O  O     . HOH D 3 .  ? 1.080   -14.689 1.379   0.50 32.05 ? 170 HOH A O     1 
HETATM 451 O  O     . HOH D 3 .  ? 3.679   4.552   4.364   1.00 31.17 ? 171 HOH A O     1 
HETATM 452 O  O     . HOH D 3 .  ? -1.453  10.278  -5.626  1.00 37.01 ? 172 HOH A O     1 
HETATM 453 O  O     . HOH D 3 .  ? 3.131   -13.447 -5.784  0.50 30.63 ? 173 HOH A O     1 
HETATM 454 O  O     . HOH D 3 .  ? -0.576  3.661   -5.451  0.50 32.89 ? 174 HOH A O     1 
HETATM 455 O  O     . HOH D 3 .  ? -17.982 -6.658  -0.724  1.00 36.36 ? 175 HOH A O     1 
HETATM 456 O  O     . HOH D 3 .  ? 6.836   -9.660  -8.300  1.00 39.56 ? 176 HOH A O     1 
HETATM 457 O  O     . HOH D 3 .  ? -16.003 -10.002 -0.700  1.00 34.37 ? 177 HOH A O     1 
HETATM 458 O  O     . HOH D 3 .  ? -1.547  5.934   1.686   0.50 29.62 ? 178 HOH A O     1 
HETATM 459 O  O     . HOH D 3 .  ? 1.133   6.839   3.057   1.00 37.35 ? 180 HOH A O     1 
HETATM 460 O  O     . HOH D 3 .  ? -0.459  -6.843  -7.652  0.50 32.14 ? 181 HOH A O     1 
HETATM 461 O  O     . HOH D 3 .  ? 7.976   0.157   -10.091 1.00 37.90 ? 182 HOH A O     1 
HETATM 462 O  O     . HOH D 3 .  ? 5.256   -3.094  -9.139  0.50 28.51 ? 183 HOH A O     1 
HETATM 463 O  O     . HOH D 3 .  ? -19.540 -2.854  -1.485  0.50 27.82 ? 186 HOH A O     1 
HETATM 464 O  O     . HOH D 3 .  ? 0.702   1.895   -2.373  0.50 30.06 ? 188 HOH A O     1 
HETATM 465 O  O     . HOH D 3 .  ? -1.484  -3.261  -4.296  1.00 33.47 ? 189 HOH A O     1 
HETATM 466 O  O     . HOH D 3 .  ? 3.275   -1.917  -5.981  0.50 28.20 ? 190 HOH A O     1 
HETATM 467 O  O     . HOH D 3 .  ? 2.855   -10.716 -7.028  0.50 33.03 ? 196 HOH A O     1 
HETATM 468 O  O     . HOH D 3 .  ? 2.348   -3.895  -9.659  0.50 34.87 ? 198 HOH A O     1 
HETATM 469 O  O     . HOH D 3 .  ? -17.718 -1.370  -1.253  0.50 35.36 ? 201 HOH A O     1 
HETATM 470 O  O     . HOH D 3 .  ? -12.691 -12.004 -4.403  0.50 33.29 ? 203 HOH A O     1 
HETATM 471 O  O     . HOH D 3 .  ? -16.661 0.389   0.964   0.50 32.64 ? 211 HOH A O     1 
HETATM 472 O  O     . HOH E 3 .  ? -6.547  -4.591  4.874   1.00 17.92 ? 101 HOH B O     1 
HETATM 473 O  O     . HOH E 3 .  ? -2.094  0.594   -2.310  1.00 23.97 ? 103 HOH B O     1 
HETATM 474 O  O     . HOH E 3 .  ? 8.115   4.370   6.847   1.00 25.64 ? 107 HOH B O     1 
HETATM 475 O  O     . HOH E 3 .  ? 2.195   0.251   8.644   1.00 28.89 ? 110 HOH B O     1 
HETATM 476 O  O     . HOH E 3 .  ? -1.870  1.782   2.607   1.00 25.07 ? 111 HOH B O     1 
HETATM 477 O  O     . HOH E 3 .  ? 3.547   0.667   6.436   1.00 25.08 ? 113 HOH B O     1 
HETATM 478 O  O     . HOH E 3 .  ? 8.491   -6.057  3.087   1.00 26.33 ? 115 HOH B O     1 
HETATM 479 O  O     . HOH E 3 .  ? -4.335  4.304   -4.726  1.00 30.47 ? 121 HOH B O     1 
HETATM 480 O  O     . HOH E 3 .  ? -4.117  1.638   -4.059  1.00 27.46 ? 126 HOH B O     1 
HETATM 481 O  O     . HOH E 3 .  ? -4.225  5.597   -0.261  1.00 40.11 ? 127 HOH B O     1 
HETATM 482 O  O     . HOH E 3 .  ? -3.808  3.350   3.253   1.00 32.63 ? 128 HOH B O     1 
HETATM 483 O  O     . HOH E 3 .  ? 3.035   -6.779  11.442  1.00 31.24 ? 129 HOH B O     1 
HETATM 484 O  O     . HOH E 3 .  ? -1.400  -6.715  5.011   1.00 30.23 ? 134 HOH B O     1 
HETATM 485 O  O     . HOH E 3 .  ? -3.853  -2.222  -5.009  1.00 26.40 ? 135 HOH B O     1 
HETATM 486 O  O     . HOH E 3 .  ? -6.573  4.113   11.636  1.00 39.16 ? 136 HOH B O     1 
HETATM 487 O  O     . HOH E 3 .  ? 5.316   -7.164  4.245   1.00 36.56 ? 137 HOH B O     1 
HETATM 488 O  O     . HOH E 3 .  ? -2.933  5.260   11.206  1.00 32.20 ? 138 HOH B O     1 
HETATM 489 O  O     . HOH E 3 .  ? 5.782   -8.523  2.086   1.00 35.26 ? 141 HOH B O     1 
HETATM 490 O  O     . HOH E 3 .  ? 2.576   1.413   3.485   1.00 27.89 ? 144 HOH B O     1 
HETATM 491 O  O     . HOH E 3 .  ? 7.005   -8.191  6.216   1.00 35.07 ? 146 HOH B O     1 
HETATM 492 O  O     . HOH E 3 .  ? 6.023   0.304   9.182   1.00 42.42 ? 147 HOH B O     1 
HETATM 493 O  O     . HOH E 3 .  ? 9.909   7.183   7.362   0.50 29.08 ? 148 HOH B O     1 
HETATM 494 O  O     . HOH E 3 .  ? 17.585  6.726   6.571   1.00 29.76 ? 149 HOH B O     1 
HETATM 495 O  O     . HOH E 3 .  ? 12.524  6.095   6.278   1.00 34.97 ? 151 HOH B O     1 
HETATM 496 O  O     . HOH E 3 .  ? -5.931  6.478   5.735   1.00 33.14 ? 153 HOH B O     1 
HETATM 497 O  O     . HOH E 3 .  ? -9.742  7.209   3.440   1.00 35.63 ? 155 HOH B O     1 
HETATM 498 O  O     . HOH E 3 .  ? -8.159  10.037  -6.700  1.00 35.94 ? 156 HOH B O     1 
HETATM 499 O  O     . HOH E 3 .  ? -7.984  10.158  -3.579  1.00 37.69 ? 157 HOH B O     1 
HETATM 500 O  O     . HOH E 3 .  ? 17.904  9.949   0.702   1.00 36.08 ? 158 HOH B O     1 
HETATM 501 O  O     . HOH E 3 .  ? -7.103  11.959  -0.335  0.50 30.39 ? 161 HOH B O     1 
HETATM 502 O  O     . HOH E 3 .  ? -10.667 6.176   4.289   0.50 24.55 ? 162 HOH B O     1 
HETATM 503 O  O     . HOH E 3 .  ? 15.348  10.499  -2.297  0.50 25.60 ? 163 HOH B O     1 
HETATM 504 O  O     . HOH E 3 .  ? 2.247   -2.979  14.115  0.50 34.05 ? 165 HOH B O     1 
HETATM 505 O  O     . HOH E 3 .  ? 18.948  8.553   3.832   0.50 25.35 ? 166 HOH B O     1 
HETATM 506 O  O     . HOH E 3 .  ? -10.972 -0.222  0.907   1.00 32.67 ? 167 HOH B O     1 
HETATM 507 O  O     . HOH E 3 .  ? 16.279  4.732   7.709   0.50 27.44 ? 179 HOH B O     1 
HETATM 508 O  O     . HOH E 3 .  ? 9.311   2.647   9.169   0.50 35.05 ? 184 HOH B O     1 
HETATM 509 O  O     . HOH E 3 .  ? 6.911   -8.336  10.785  0.50 40.48 ? 185 HOH B O     1 
HETATM 510 O  O     . HOH E 3 .  ? -5.211  0.916   11.421  0.50 35.21 ? 187 HOH B O     1 
HETATM 511 O  O     . HOH E 3 .  ? -7.293  9.289   1.068   0.50 37.64 ? 191 HOH B O     1 
HETATM 512 O  O     . HOH E 3 .  ? -3.865  8.947   -1.527  0.50 40.80 ? 192 HOH B O     1 
HETATM 513 O  O     . HOH E 3 .  ? -3.485  7.797   -3.832  0.50 30.51 ? 193 HOH B O     1 
HETATM 514 O  O     . HOH E 3 .  ? -2.978  2.676   10.315  0.50 37.55 ? 194 HOH B O     1 
HETATM 515 O  O     . HOH E 3 .  ? -5.057  9.274   0.521   0.50 41.13 ? 195 HOH B O     1 
HETATM 516 O  O     . HOH E 3 .  ? -9.425  9.324   -0.934  0.50 24.21 ? 197 HOH B O     1 
HETATM 517 O  O     . HOH E 3 .  ? 7.420   -1.296  12.668  0.50 42.86 ? 199 HOH B O     1 
HETATM 518 O  O     . HOH E 3 .  ? 0.821   -0.836  13.019  0.50 37.43 ? 200 HOH B O     1 
HETATM 519 O  O     . HOH E 3 .  ? -4.527  4.261   12.726  0.50 38.35 ? 202 HOH B O     1 
HETATM 520 O  O     . HOH E 3 .  ? -9.325  9.537   4.608   0.50 29.24 ? 204 HOH B O     1 
HETATM 521 O  O     . HOH E 3 .  ? -0.519  2.598   -1.503  0.50 27.66 ? 205 HOH B O     1 
HETATM 522 O  O     . HOH E 3 .  ? -1.476  4.989   -2.886  0.50 36.27 ? 206 HOH B O     1 
HETATM 523 O  O     . HOH E 3 .  ? -1.826  4.848   -1.031  0.50 33.98 ? 207 HOH B O     1 
HETATM 524 O  O     . HOH E 3 .  ? -4.950  -2.479  11.619  0.50 32.90 ? 208 HOH B O     1 
HETATM 525 O  O     . HOH E 3 .  ? -7.445  10.412  2.664   0.50 34.82 ? 209 HOH B O     1 
HETATM 526 O  O     . HOH E 3 .  ? -4.291  8.440   -5.390  0.50 40.60 ? 210 HOH B O     1 
HETATM 527 O  O     . HOH E 3 .  ? -6.226  -4.032  -8.766  0.50 30.37 ? 212 HOH B O     1 
HETATM 528 O  O     . HOH E 3 .  ? 0.413   3.161   4.042   0.50 21.99 ? 213 HOH B O     1 
# 
